data_399D
# 
_entry.id   399D 
# 
_audit_conform.dict_name       mmcif_pdbx.dic 
_audit_conform.dict_version    5.387 
_audit_conform.dict_location   http://mmcif.pdb.org/dictionaries/ascii/mmcif_pdbx.dic 
# 
loop_
_database_2.database_id 
_database_2.database_code 
_database_2.pdbx_database_accession 
_database_2.pdbx_DOI 
PDB   399D         pdb_0000399d 10.2210/pdb399d/pdb 
RCSB  ADL047       ?            ?                   
WWPDB D_1000178863 ?            ?                   
# 
loop_
_pdbx_audit_revision_history.ordinal 
_pdbx_audit_revision_history.data_content_type 
_pdbx_audit_revision_history.major_revision 
_pdbx_audit_revision_history.minor_revision 
_pdbx_audit_revision_history.revision_date 
1 'Structure model' 1 0 1999-01-18 
2 'Structure model' 1 1 2008-05-22 
3 'Structure model' 1 2 2011-07-13 
4 'Structure model' 1 3 2017-05-03 
5 'Structure model' 1 4 2024-02-21 
# 
_pdbx_audit_revision_details.ordinal             1 
_pdbx_audit_revision_details.revision_ordinal    1 
_pdbx_audit_revision_details.data_content_type   'Structure model' 
_pdbx_audit_revision_details.provider            repository 
_pdbx_audit_revision_details.type                'Initial release' 
_pdbx_audit_revision_details.description         ? 
_pdbx_audit_revision_details.details             ? 
# 
loop_
_pdbx_audit_revision_group.ordinal 
_pdbx_audit_revision_group.revision_ordinal 
_pdbx_audit_revision_group.data_content_type 
_pdbx_audit_revision_group.group 
1 2 'Structure model' 'Version format compliance' 
2 3 'Structure model' 'Version format compliance' 
3 4 'Structure model' 'Source and taxonomy'       
4 4 'Structure model' 'Structure summary'         
5 5 'Structure model' 'Data collection'           
6 5 'Structure model' 'Database references'       
# 
loop_
_pdbx_audit_revision_category.ordinal 
_pdbx_audit_revision_category.revision_ordinal 
_pdbx_audit_revision_category.data_content_type 
_pdbx_audit_revision_category.category 
1 5 'Structure model' chem_comp_atom 
2 5 'Structure model' chem_comp_bond 
3 5 'Structure model' database_2     
# 
loop_
_pdbx_audit_revision_item.ordinal 
_pdbx_audit_revision_item.revision_ordinal 
_pdbx_audit_revision_item.data_content_type 
_pdbx_audit_revision_item.item 
1 5 'Structure model' '_database_2.pdbx_DOI'                
2 5 'Structure model' '_database_2.pdbx_database_accession' 
# 
_pdbx_database_status.status_code                     REL 
_pdbx_database_status.entry_id                        399D 
_pdbx_database_status.recvd_initial_deposition_date   1998-05-11 
_pdbx_database_status.deposit_site                    NDB 
_pdbx_database_status.process_site                    NDB 
_pdbx_database_status.SG_entry                        . 
_pdbx_database_status.status_code_sf                  REL 
_pdbx_database_status.status_code_mr                  ? 
_pdbx_database_status.status_code_cs                  ? 
_pdbx_database_status.methods_development_category    ? 
_pdbx_database_status.pdb_format_compatible           Y 
_pdbx_database_status.status_code_nmr_data            ? 
# 
loop_
_audit_author.name 
_audit_author.pdbx_ordinal 
_audit_author.identifier_ORCID 
'Malinina, L.'    1 ? 
'Fernandez, L.G.' 2 ? 
'Subirana, J.A.'  3 ? 
# 
_citation.id                        primary 
_citation.title                     
'Structure of the d(CGCCCGCGGGCG) dodecamer: a kinked A-DNA molecule showing some B-DNA features.' 
_citation.journal_abbrev            J.Mol.Biol. 
_citation.journal_volume            285 
_citation.page_first                1679 
_citation.page_last                 1690 
_citation.year                      1999 
_citation.journal_id_ASTM           JMOBAK 
_citation.country                   UK 
_citation.journal_id_ISSN           0022-2836 
_citation.journal_id_CSD            0070 
_citation.book_publisher            ? 
_citation.pdbx_database_id_PubMed   9917405 
_citation.pdbx_database_id_DOI      10.1006/jmbi.1998.2424 
# 
loop_
_citation_author.citation_id 
_citation_author.name 
_citation_author.ordinal 
_citation_author.identifier_ORCID 
primary 'Malinina, L.'    1 ? 
primary 'Fernandez, L.G.' 2 ? 
primary 'Huynh-Dinh, T.'  3 ? 
primary 'Subirana, J.A.'  4 ? 
# 
loop_
_entity.id 
_entity.type 
_entity.src_method 
_entity.pdbx_description 
_entity.formula_weight 
_entity.pdbx_number_of_molecules 
_entity.pdbx_ec 
_entity.pdbx_mutation 
_entity.pdbx_fragment 
_entity.details 
1 polymer syn 
;DNA (5'-D(*CP*GP*CP*CP*CP*GP*CP*GP*GP*GP*CP*G)-3')
;
3665.368 2  ? ? ? ? 
2 water   nat water                                                18.015   63 ? ? ? ? 
# 
_entity_poly.entity_id                      1 
_entity_poly.type                           polydeoxyribonucleotide 
_entity_poly.nstd_linkage                   no 
_entity_poly.nstd_monomer                   no 
_entity_poly.pdbx_seq_one_letter_code       '(DC)(DG)(DC)(DC)(DC)(DG)(DC)(DG)(DG)(DG)(DC)(DG)' 
_entity_poly.pdbx_seq_one_letter_code_can   CGCCCGCGGGCG 
_entity_poly.pdbx_strand_id                 A,B 
_entity_poly.pdbx_target_identifier         ? 
# 
_pdbx_entity_nonpoly.entity_id   2 
_pdbx_entity_nonpoly.name        water 
_pdbx_entity_nonpoly.comp_id     HOH 
# 
loop_
_entity_poly_seq.entity_id 
_entity_poly_seq.num 
_entity_poly_seq.mon_id 
_entity_poly_seq.hetero 
1 1  DC n 
1 2  DG n 
1 3  DC n 
1 4  DC n 
1 5  DC n 
1 6  DG n 
1 7  DC n 
1 8  DG n 
1 9  DG n 
1 10 DG n 
1 11 DC n 
1 12 DG n 
# 
_pdbx_entity_src_syn.entity_id              1 
_pdbx_entity_src_syn.pdbx_src_id            1 
_pdbx_entity_src_syn.pdbx_alt_source_flag   sample 
_pdbx_entity_src_syn.pdbx_beg_seq_num       ? 
_pdbx_entity_src_syn.pdbx_end_seq_num       ? 
_pdbx_entity_src_syn.organism_scientific    'synthetic construct' 
_pdbx_entity_src_syn.organism_common_name   ? 
_pdbx_entity_src_syn.ncbi_taxonomy_id       32630 
_pdbx_entity_src_syn.details                ? 
# 
loop_
_chem_comp.id 
_chem_comp.type 
_chem_comp.mon_nstd_flag 
_chem_comp.name 
_chem_comp.pdbx_synonyms 
_chem_comp.formula 
_chem_comp.formula_weight 
DC  'DNA linking' y "2'-DEOXYCYTIDINE-5'-MONOPHOSPHATE"  ? 'C9 H14 N3 O7 P'  307.197 
DG  'DNA linking' y "2'-DEOXYGUANOSINE-5'-MONOPHOSPHATE" ? 'C10 H14 N5 O7 P' 347.221 
HOH non-polymer   . WATER                                ? 'H2 O'            18.015  
# 
loop_
_pdbx_poly_seq_scheme.asym_id 
_pdbx_poly_seq_scheme.entity_id 
_pdbx_poly_seq_scheme.seq_id 
_pdbx_poly_seq_scheme.mon_id 
_pdbx_poly_seq_scheme.ndb_seq_num 
_pdbx_poly_seq_scheme.pdb_seq_num 
_pdbx_poly_seq_scheme.auth_seq_num 
_pdbx_poly_seq_scheme.pdb_mon_id 
_pdbx_poly_seq_scheme.auth_mon_id 
_pdbx_poly_seq_scheme.pdb_strand_id 
_pdbx_poly_seq_scheme.pdb_ins_code 
_pdbx_poly_seq_scheme.hetero 
A 1 1  DC 1  1  1  DC C A . n 
A 1 2  DG 2  2  2  DG G A . n 
A 1 3  DC 3  3  3  DC C A . n 
A 1 4  DC 4  4  4  DC C A . n 
A 1 5  DC 5  5  5  DC C A . n 
A 1 6  DG 6  6  6  DG G A . n 
A 1 7  DC 7  7  7  DC C A . n 
A 1 8  DG 8  8  8  DG G A . n 
A 1 9  DG 9  9  9  DG G A . n 
A 1 10 DG 10 10 10 DG G A . n 
A 1 11 DC 11 11 11 DC C A . n 
A 1 12 DG 12 12 12 DG G A . n 
B 1 1  DC 1  13 13 DC C B . n 
B 1 2  DG 2  14 14 DG G B . n 
B 1 3  DC 3  15 15 DC C B . n 
B 1 4  DC 4  16 16 DC C B . n 
B 1 5  DC 5  17 17 DC C B . n 
B 1 6  DG 6  18 18 DG G B . n 
B 1 7  DC 7  19 19 DC C B . n 
B 1 8  DG 8  20 20 DG G B . n 
B 1 9  DG 9  21 21 DG G B . n 
B 1 10 DG 10 22 22 DG G B . n 
B 1 11 DC 11 23 23 DC C B . n 
B 1 12 DG 12 24 24 DG G B . n 
# 
loop_
_pdbx_nonpoly_scheme.asym_id 
_pdbx_nonpoly_scheme.entity_id 
_pdbx_nonpoly_scheme.mon_id 
_pdbx_nonpoly_scheme.ndb_seq_num 
_pdbx_nonpoly_scheme.pdb_seq_num 
_pdbx_nonpoly_scheme.auth_seq_num 
_pdbx_nonpoly_scheme.pdb_mon_id 
_pdbx_nonpoly_scheme.auth_mon_id 
_pdbx_nonpoly_scheme.pdb_strand_id 
_pdbx_nonpoly_scheme.pdb_ins_code 
C 2 HOH 1  31 31 HOH HOH A . 
C 2 HOH 2  32 32 HOH HOH A . 
C 2 HOH 3  33 33 HOH HOH A . 
C 2 HOH 4  34 34 HOH HOH A . 
C 2 HOH 5  35 35 HOH HOH A . 
C 2 HOH 6  36 36 HOH HOH A . 
C 2 HOH 7  43 43 HOH HOH A . 
C 2 HOH 8  44 44 HOH HOH A . 
C 2 HOH 9  47 47 HOH HOH A . 
C 2 HOH 10 48 48 HOH HOH A . 
C 2 HOH 11 56 56 HOH HOH A . 
C 2 HOH 12 57 57 HOH HOH A . 
C 2 HOH 13 60 60 HOH HOH A . 
C 2 HOH 14 61 61 HOH HOH A . 
C 2 HOH 15 62 62 HOH HOH A . 
C 2 HOH 16 64 64 HOH HOH A . 
C 2 HOH 17 69 69 HOH HOH A . 
C 2 HOH 18 76 76 HOH HOH A . 
C 2 HOH 19 77 77 HOH HOH A . 
C 2 HOH 20 79 79 HOH HOH A . 
C 2 HOH 21 81 81 HOH HOH A . 
C 2 HOH 22 82 82 HOH HOH A . 
C 2 HOH 23 83 83 HOH HOH A . 
C 2 HOH 24 84 84 HOH HOH A . 
C 2 HOH 25 85 85 HOH HOH A . 
C 2 HOH 26 86 86 HOH HOH A . 
C 2 HOH 27 88 88 HOH HOH A . 
C 2 HOH 28 89 89 HOH HOH A . 
C 2 HOH 29 90 90 HOH HOH A . 
C 2 HOH 30 92 92 HOH HOH A . 
C 2 HOH 31 94 94 HOH HOH A . 
D 2 HOH 1  37 37 HOH HOH B . 
D 2 HOH 2  38 38 HOH HOH B . 
D 2 HOH 3  39 39 HOH HOH B . 
D 2 HOH 4  40 40 HOH HOH B . 
D 2 HOH 5  41 41 HOH HOH B . 
D 2 HOH 6  46 46 HOH HOH B . 
D 2 HOH 7  49 49 HOH HOH B . 
D 2 HOH 8  50 50 HOH HOH B . 
D 2 HOH 9  51 51 HOH HOH B . 
D 2 HOH 10 52 52 HOH HOH B . 
D 2 HOH 11 53 53 HOH HOH B . 
D 2 HOH 12 54 54 HOH HOH B . 
D 2 HOH 13 55 55 HOH HOH B . 
D 2 HOH 14 58 58 HOH HOH B . 
D 2 HOH 15 59 59 HOH HOH B . 
D 2 HOH 16 63 63 HOH HOH B . 
D 2 HOH 17 65 65 HOH HOH B . 
D 2 HOH 18 66 66 HOH HOH B . 
D 2 HOH 19 67 67 HOH HOH B . 
D 2 HOH 20 68 68 HOH HOH B . 
D 2 HOH 21 70 70 HOH HOH B . 
D 2 HOH 22 71 71 HOH HOH B . 
D 2 HOH 23 72 72 HOH HOH B . 
D 2 HOH 24 73 73 HOH HOH B . 
D 2 HOH 25 74 74 HOH HOH B . 
D 2 HOH 26 75 75 HOH HOH B . 
D 2 HOH 27 78 78 HOH HOH B . 
D 2 HOH 28 80 80 HOH HOH B . 
D 2 HOH 29 87 87 HOH HOH B . 
D 2 HOH 30 91 91 HOH HOH B . 
D 2 HOH 31 93 93 HOH HOH B . 
D 2 HOH 32 95 95 HOH HOH B . 
# 
loop_
_software.name 
_software.classification 
_software.version 
_software.citation_id 
_software.pdbx_ordinal 
X-PLOR    refinement       3.1 ? 1 
DENZO     'data reduction' .   ? 2 
SCALEPACK 'data scaling'   .   ? 3 
# 
_cell.entry_id           399D 
_cell.length_a           31.290 
_cell.length_b           42.602 
_cell.length_c           45.995 
_cell.angle_alpha        90.00 
_cell.angle_beta         90.00 
_cell.angle_gamma        90.00 
_cell.Z_PDB              8 
_cell.pdbx_unique_axis   ? 
_cell.length_a_esd       ? 
_cell.length_b_esd       ? 
_cell.length_c_esd       ? 
_cell.angle_alpha_esd    ? 
_cell.angle_beta_esd     ? 
_cell.angle_gamma_esd    ? 
# 
_symmetry.entry_id                         399D 
_symmetry.space_group_name_H-M             'P 21 21 21' 
_symmetry.pdbx_full_space_group_name_H-M   ? 
_symmetry.cell_setting                     orthorhombic 
_symmetry.Int_Tables_number                19 
_symmetry.space_group_name_Hall            ? 
# 
_exptl.entry_id          399D 
_exptl.method            'X-RAY DIFFRACTION' 
_exptl.crystals_number   1 
# 
_exptl_crystal.id                    1 
_exptl_crystal.density_meas          ? 
_exptl_crystal.density_percent_sol   38.09 
_exptl_crystal.density_Matthews      1.99 
_exptl_crystal.description           ? 
_exptl_crystal.F_000                 ? 
_exptl_crystal.preparation           ? 
# 
_exptl_crystal_grow.crystal_id      1 
_exptl_crystal_grow.method          'VAPOR DIFFUSION, SITTING DROP' 
_exptl_crystal_grow.temp            ? 
_exptl_crystal_grow.temp_details    ? 
_exptl_crystal_grow.pH              5.60 
_exptl_crystal_grow.pdbx_details    'pH 5.60, VAPOR DIFFUSION, SITTING DROP' 
_exptl_crystal_grow.pdbx_pH_range   . 
# 
loop_
_exptl_crystal_grow_comp.crystal_id 
_exptl_crystal_grow_comp.id 
_exptl_crystal_grow_comp.sol_id 
_exptl_crystal_grow_comp.name 
_exptl_crystal_grow_comp.volume 
_exptl_crystal_grow_comp.conc 
_exptl_crystal_grow_comp.details 
1 1 1 WATER              ? ? ? 
1 2 1 'PROTEIN (PHI0)'   ? ? ? 
1 3 1 'NA CITRATE'       ? ? ? 
1 4 1 NACL               ? ? ? 
1 5 1 'AMMONIUM ACETATE' ? ? ? 
1 6 1 'PEG 4000'         ? ? ? 
1 7 2 WATER              ? ? ? 
1 8 2 'PEG 4000'         ? ? ? 
# 
_diffrn.id                     1 
_diffrn.ambient_temp           293.00 
_diffrn.ambient_temp_details   ? 
_diffrn.crystal_id             1 
# 
_diffrn_detector.diffrn_id              1 
_diffrn_detector.detector               'IMAGE PLATE' 
_diffrn_detector.type                   MARRESEARCH 
_diffrn_detector.pdbx_collection_date   1997-01-01 
_diffrn_detector.details                COLLIMATORS 
# 
_diffrn_radiation.diffrn_id                        1 
_diffrn_radiation.wavelength_id                    1 
_diffrn_radiation.pdbx_monochromatic_or_laue_m_l   M 
_diffrn_radiation.monochromator                    GRAPHITE 
_diffrn_radiation.pdbx_diffrn_protocol             'SINGLE WAVELENGTH' 
_diffrn_radiation.pdbx_scattering_type             x-ray 
# 
_diffrn_radiation_wavelength.id           1 
_diffrn_radiation_wavelength.wavelength   1.5418 
_diffrn_radiation_wavelength.wt           1.0 
# 
_diffrn_source.diffrn_id                   1 
_diffrn_source.source                      'ROTATING ANODE' 
_diffrn_source.type                        'ELLIOTT GX-21' 
_diffrn_source.pdbx_synchrotron_site       ? 
_diffrn_source.pdbx_synchrotron_beamline   ? 
_diffrn_source.pdbx_wavelength             1.5418 
_diffrn_source.pdbx_wavelength_list        ? 
# 
_reflns.entry_id                     399D 
_reflns.observed_criterion_sigma_I   ? 
_reflns.observed_criterion_sigma_F   ? 
_reflns.d_resolution_low             22.000 
_reflns.d_resolution_high            1.900 
_reflns.number_obs                   4559 
_reflns.number_all                   ? 
_reflns.percent_possible_obs         87.500 
_reflns.pdbx_Rmerge_I_obs            0.0420000 
_reflns.pdbx_Rsym_value              ? 
_reflns.pdbx_netI_over_sigmaI        11.0 
_reflns.B_iso_Wilson_estimate        6.6 
_reflns.pdbx_redundancy              6.3 
_reflns.R_free_details               ? 
_reflns.pdbx_chi_squared             ? 
_reflns.pdbx_scaling_rejects         ? 
_reflns.pdbx_diffrn_id               1 
_reflns.pdbx_ordinal                 1 
# 
_reflns_shell.d_res_high             1.90 
_reflns_shell.d_res_low              1.97 
_reflns_shell.percent_possible_all   79.7 
_reflns_shell.Rmerge_I_obs           0.1800000 
_reflns_shell.pdbx_Rsym_value        ? 
_reflns_shell.meanI_over_sigI_obs    ? 
_reflns_shell.pdbx_redundancy        ? 
_reflns_shell.percent_possible_obs   ? 
_reflns_shell.number_unique_all      ? 
_reflns_shell.number_measured_all    ? 
_reflns_shell.number_measured_obs    ? 
_reflns_shell.number_unique_obs      ? 
_reflns_shell.pdbx_chi_squared       ? 
_reflns_shell.pdbx_diffrn_id         ? 
_reflns_shell.pdbx_ordinal           1 
# 
_refine.entry_id                                 399D 
_refine.ls_number_reflns_obs                     3957 
_refine.ls_number_reflns_all                     ? 
_refine.pdbx_ls_sigma_I                          ? 
_refine.pdbx_ls_sigma_F                          2.0 
_refine.pdbx_data_cutoff_high_absF               ? 
_refine.pdbx_data_cutoff_low_absF                ? 
_refine.pdbx_data_cutoff_high_rms_absF           ? 
_refine.ls_d_res_low                             8.0 
_refine.ls_d_res_high                            1.9 
_refine.ls_percent_reflns_obs                    87.5 
_refine.ls_R_factor_obs                          0.1650000 
_refine.ls_R_factor_all                          ? 
_refine.ls_R_factor_R_work                       0.1650000 
_refine.ls_R_factor_R_free                       0.2030000 
_refine.ls_R_factor_R_free_error                 ? 
_refine.ls_R_factor_R_free_error_details         ? 
_refine.ls_percent_reflns_R_free                 8.0 
_refine.ls_number_reflns_R_free                  407 
_refine.ls_number_parameters                     ? 
_refine.ls_number_restraints                     ? 
_refine.occupancy_min                            ? 
_refine.occupancy_max                            ? 
_refine.B_iso_mean                               12.0 
_refine.aniso_B[1][1]                            ? 
_refine.aniso_B[2][2]                            ? 
_refine.aniso_B[3][3]                            ? 
_refine.aniso_B[1][2]                            ? 
_refine.aniso_B[1][3]                            ? 
_refine.aniso_B[2][3]                            ? 
_refine.solvent_model_details                    ? 
_refine.solvent_model_param_ksol                 ? 
_refine.solvent_model_param_bsol                 ? 
_refine.pdbx_ls_cross_valid_method               R-FREE 
_refine.details                                  ? 
_refine.pdbx_starting_model                      ? 
_refine.pdbx_method_to_determine_struct          ? 
_refine.pdbx_isotropic_thermal_model             ISOTROPIC 
_refine.pdbx_stereochemistry_target_values       ? 
_refine.pdbx_stereochem_target_val_spec_case     ? 
_refine.pdbx_R_Free_selection_details            RANDOM 
_refine.pdbx_overall_ESU_R                       ? 
_refine.pdbx_overall_ESU_R_Free                  ? 
_refine.overall_SU_ML                            ? 
_refine.overall_SU_B                             ? 
_refine.ls_redundancy_reflns_obs                 ? 
_refine.correlation_coeff_Fo_to_Fc               ? 
_refine.correlation_coeff_Fo_to_Fc_free          ? 
_refine.pdbx_solvent_vdw_probe_radii             ? 
_refine.pdbx_solvent_ion_probe_radii             ? 
_refine.pdbx_solvent_shrinkage_radii             ? 
_refine.overall_SU_R_Cruickshank_DPI             ? 
_refine.overall_SU_R_free                        ? 
_refine.pdbx_refine_id                           'X-RAY DIFFRACTION' 
_refine.pdbx_overall_phase_error                 ? 
_refine.ls_wR_factor_R_free                      ? 
_refine.ls_wR_factor_R_work                      ? 
_refine.overall_FOM_free_R_set                   ? 
_refine.overall_FOM_work_R_set                   ? 
_refine.pdbx_diffrn_id                           1 
_refine.pdbx_TLS_residual_ADP_flag               ? 
_refine.pdbx_overall_SU_R_free_Cruickshank_DPI   ? 
_refine.pdbx_overall_SU_R_Blow_DPI               ? 
_refine.pdbx_overall_SU_R_free_Blow_DPI          ? 
# 
_refine_analyze.entry_id                        399D 
_refine_analyze.Luzzati_coordinate_error_obs    0.19 
_refine_analyze.Luzzati_sigma_a_obs             0.20 
_refine_analyze.Luzzati_d_res_low_obs           5.0 
_refine_analyze.Luzzati_coordinate_error_free   0.24 
_refine_analyze.Luzzati_sigma_a_free            0.22 
_refine_analyze.Luzzati_d_res_low_free          ? 
_refine_analyze.number_disordered_residues      ? 
_refine_analyze.occupancy_sum_hydrogen          ? 
_refine_analyze.occupancy_sum_non_hydrogen      ? 
_refine_analyze.pdbx_refine_id                  'X-RAY DIFFRACTION' 
# 
_refine_hist.pdbx_refine_id                   'X-RAY DIFFRACTION' 
_refine_hist.cycle_id                         LAST 
_refine_hist.pdbx_number_atoms_protein        0 
_refine_hist.pdbx_number_atoms_nucleic_acid   486 
_refine_hist.pdbx_number_atoms_ligand         0 
_refine_hist.number_atoms_solvent             63 
_refine_hist.number_atoms_total               549 
_refine_hist.d_res_high                       1.9 
_refine_hist.d_res_low                        8.0 
# 
loop_
_refine_ls_restr.type 
_refine_ls_restr.dev_ideal 
_refine_ls_restr.dev_ideal_target 
_refine_ls_restr.weight 
_refine_ls_restr.number 
_refine_ls_restr.pdbx_refine_id 
_refine_ls_restr.pdbx_restraint_function 
x_bond_d                0.010  ? ? ? 'X-RAY DIFFRACTION' ? 
x_bond_d_na             ?      ? ? ? 'X-RAY DIFFRACTION' ? 
x_bond_d_prot           ?      ? ? ? 'X-RAY DIFFRACTION' ? 
x_angle_d               ?      ? ? ? 'X-RAY DIFFRACTION' ? 
x_angle_d_na            ?      ? ? ? 'X-RAY DIFFRACTION' ? 
x_angle_d_prot          ?      ? ? ? 'X-RAY DIFFRACTION' ? 
x_angle_deg             1.624  ? ? ? 'X-RAY DIFFRACTION' ? 
x_angle_deg_na          ?      ? ? ? 'X-RAY DIFFRACTION' ? 
x_angle_deg_prot        ?      ? ? ? 'X-RAY DIFFRACTION' ? 
x_dihedral_angle_d      17.103 ? ? ? 'X-RAY DIFFRACTION' ? 
x_dihedral_angle_d_na   ?      ? ? ? 'X-RAY DIFFRACTION' ? 
x_dihedral_angle_d_prot ?      ? ? ? 'X-RAY DIFFRACTION' ? 
x_improper_angle_d      1.913  ? ? ? 'X-RAY DIFFRACTION' ? 
x_improper_angle_d_na   ?      ? ? ? 'X-RAY DIFFRACTION' ? 
x_improper_angle_d_prot ?      ? ? ? 'X-RAY DIFFRACTION' ? 
x_mcbond_it             ?      ? ? ? 'X-RAY DIFFRACTION' ? 
x_mcangle_it            ?      ? ? ? 'X-RAY DIFFRACTION' ? 
x_scbond_it             ?      ? ? ? 'X-RAY DIFFRACTION' ? 
x_scangle_it            ?      ? ? ? 'X-RAY DIFFRACTION' ? 
# 
_refine_ls_shell.pdbx_total_number_of_bins_used   10 
_refine_ls_shell.d_res_high                       1.90 
_refine_ls_shell.d_res_low                        1.97 
_refine_ls_shell.number_reflns_R_work             265 
_refine_ls_shell.R_factor_R_work                  0.2500000 
_refine_ls_shell.percent_reflns_obs               60.7 
_refine_ls_shell.R_factor_R_free                  0.2500000 
_refine_ls_shell.R_factor_R_free_error            ? 
_refine_ls_shell.percent_reflns_R_free            6.28 
_refine_ls_shell.number_reflns_R_free             28 
_refine_ls_shell.redundancy_reflns_obs            ? 
_refine_ls_shell.pdbx_refine_id                   'X-RAY DIFFRACTION' 
_refine_ls_shell.number_reflns_all                ? 
_refine_ls_shell.number_reflns_obs                ? 
_refine_ls_shell.R_factor_all                     ? 
# 
_pdbx_xplor_file.serial_no        1 
_pdbx_xplor_file.param_file       PARAM_NDBX.DNA 
_pdbx_xplor_file.topol_file       TOP_NDBX.DNA 
_pdbx_xplor_file.pdbx_refine_id   'X-RAY DIFFRACTION' 
# 
_struct.entry_id                  399D 
_struct.title                     'STRUCTURE OF D(CGCCCGCGGGCG)' 
_struct.pdbx_model_details        ? 
_struct.pdbx_CASP_flag            ? 
_struct.pdbx_model_type_details   ? 
# 
_struct_keywords.entry_id        399D 
_struct_keywords.pdbx_keywords   DNA 
_struct_keywords.text            'DOUBLE HELIX, DNA' 
# 
loop_
_struct_asym.id 
_struct_asym.pdbx_blank_PDB_chainid_flag 
_struct_asym.pdbx_modified 
_struct_asym.entity_id 
_struct_asym.details 
A N N 1 ? 
B N N 1 ? 
C N N 2 ? 
D N N 2 ? 
# 
_struct_ref.id                         1 
_struct_ref.entity_id                  1 
_struct_ref.db_name                    PDB 
_struct_ref.db_code                    399D 
_struct_ref.pdbx_db_accession          399D 
_struct_ref.pdbx_align_begin           ? 
_struct_ref.pdbx_seq_one_letter_code   ? 
_struct_ref.pdbx_db_isoform            ? 
# 
loop_
_struct_ref_seq.align_id 
_struct_ref_seq.ref_id 
_struct_ref_seq.pdbx_PDB_id_code 
_struct_ref_seq.pdbx_strand_id 
_struct_ref_seq.seq_align_beg 
_struct_ref_seq.pdbx_seq_align_beg_ins_code 
_struct_ref_seq.seq_align_end 
_struct_ref_seq.pdbx_seq_align_end_ins_code 
_struct_ref_seq.pdbx_db_accession 
_struct_ref_seq.db_align_beg 
_struct_ref_seq.pdbx_db_align_beg_ins_code 
_struct_ref_seq.db_align_end 
_struct_ref_seq.pdbx_db_align_end_ins_code 
_struct_ref_seq.pdbx_auth_seq_align_beg 
_struct_ref_seq.pdbx_auth_seq_align_end 
1 1 399D A 1 ? 12 ? 399D 1  ? 12 ? 1  12 
2 1 399D B 1 ? 12 ? 399D 13 ? 24 ? 13 24 
# 
_pdbx_struct_assembly.id                   1 
_pdbx_struct_assembly.details              author_defined_assembly 
_pdbx_struct_assembly.method_details       ? 
_pdbx_struct_assembly.oligomeric_details   dimeric 
_pdbx_struct_assembly.oligomeric_count     2 
# 
_pdbx_struct_assembly_gen.assembly_id       1 
_pdbx_struct_assembly_gen.oper_expression   1 
_pdbx_struct_assembly_gen.asym_id_list      A,B,C,D 
# 
_pdbx_struct_oper_list.id                   1 
_pdbx_struct_oper_list.type                 'identity operation' 
_pdbx_struct_oper_list.name                 1_555 
_pdbx_struct_oper_list.symmetry_operation   x,y,z 
_pdbx_struct_oper_list.matrix[1][1]         1.0000000000 
_pdbx_struct_oper_list.matrix[1][2]         0.0000000000 
_pdbx_struct_oper_list.matrix[1][3]         0.0000000000 
_pdbx_struct_oper_list.vector[1]            0.0000000000 
_pdbx_struct_oper_list.matrix[2][1]         0.0000000000 
_pdbx_struct_oper_list.matrix[2][2]         1.0000000000 
_pdbx_struct_oper_list.matrix[2][3]         0.0000000000 
_pdbx_struct_oper_list.vector[2]            0.0000000000 
_pdbx_struct_oper_list.matrix[3][1]         0.0000000000 
_pdbx_struct_oper_list.matrix[3][2]         0.0000000000 
_pdbx_struct_oper_list.matrix[3][3]         1.0000000000 
_pdbx_struct_oper_list.vector[3]            0.0000000000 
# 
loop_
_struct_conn.id 
_struct_conn.conn_type_id 
_struct_conn.pdbx_leaving_atom_flag 
_struct_conn.pdbx_PDB_id 
_struct_conn.ptnr1_label_asym_id 
_struct_conn.ptnr1_label_comp_id 
_struct_conn.ptnr1_label_seq_id 
_struct_conn.ptnr1_label_atom_id 
_struct_conn.pdbx_ptnr1_label_alt_id 
_struct_conn.pdbx_ptnr1_PDB_ins_code 
_struct_conn.pdbx_ptnr1_standard_comp_id 
_struct_conn.ptnr1_symmetry 
_struct_conn.ptnr2_label_asym_id 
_struct_conn.ptnr2_label_comp_id 
_struct_conn.ptnr2_label_seq_id 
_struct_conn.ptnr2_label_atom_id 
_struct_conn.pdbx_ptnr2_label_alt_id 
_struct_conn.pdbx_ptnr2_PDB_ins_code 
_struct_conn.ptnr1_auth_asym_id 
_struct_conn.ptnr1_auth_comp_id 
_struct_conn.ptnr1_auth_seq_id 
_struct_conn.ptnr2_auth_asym_id 
_struct_conn.ptnr2_auth_comp_id 
_struct_conn.ptnr2_auth_seq_id 
_struct_conn.ptnr2_symmetry 
_struct_conn.pdbx_ptnr3_label_atom_id 
_struct_conn.pdbx_ptnr3_label_seq_id 
_struct_conn.pdbx_ptnr3_label_comp_id 
_struct_conn.pdbx_ptnr3_label_asym_id 
_struct_conn.pdbx_ptnr3_label_alt_id 
_struct_conn.pdbx_ptnr3_PDB_ins_code 
_struct_conn.details 
_struct_conn.pdbx_dist_value 
_struct_conn.pdbx_value_order 
_struct_conn.pdbx_role 
hydrog1  hydrog ? ? A DC 1  N3 ? ? ? 1_555 B DG 12 N1 ? ? A DC 1  B DG 24 1_555 ? ? ? ? ? ? WATSON-CRICK ? ? ? 
hydrog2  hydrog ? ? A DC 1  N4 ? ? ? 1_555 B DG 12 O6 ? ? A DC 1  B DG 24 1_555 ? ? ? ? ? ? WATSON-CRICK ? ? ? 
hydrog3  hydrog ? ? A DC 1  O2 ? ? ? 1_555 B DG 12 N2 ? ? A DC 1  B DG 24 1_555 ? ? ? ? ? ? WATSON-CRICK ? ? ? 
hydrog4  hydrog ? ? A DG 2  N1 ? ? ? 1_555 B DC 11 N3 ? ? A DG 2  B DC 23 1_555 ? ? ? ? ? ? WATSON-CRICK ? ? ? 
hydrog5  hydrog ? ? A DG 2  N2 ? ? ? 1_555 B DC 11 O2 ? ? A DG 2  B DC 23 1_555 ? ? ? ? ? ? WATSON-CRICK ? ? ? 
hydrog6  hydrog ? ? A DG 2  O6 ? ? ? 1_555 B DC 11 N4 ? ? A DG 2  B DC 23 1_555 ? ? ? ? ? ? WATSON-CRICK ? ? ? 
hydrog7  hydrog ? ? A DC 3  N3 ? ? ? 1_555 B DG 10 N1 ? ? A DC 3  B DG 22 1_555 ? ? ? ? ? ? WATSON-CRICK ? ? ? 
hydrog8  hydrog ? ? A DC 3  N4 ? ? ? 1_555 B DG 10 O6 ? ? A DC 3  B DG 22 1_555 ? ? ? ? ? ? WATSON-CRICK ? ? ? 
hydrog9  hydrog ? ? A DC 3  O2 ? ? ? 1_555 B DG 10 N2 ? ? A DC 3  B DG 22 1_555 ? ? ? ? ? ? WATSON-CRICK ? ? ? 
hydrog10 hydrog ? ? A DC 4  N3 ? ? ? 1_555 B DG 9  N1 ? ? A DC 4  B DG 21 1_555 ? ? ? ? ? ? WATSON-CRICK ? ? ? 
hydrog11 hydrog ? ? A DC 4  N4 ? ? ? 1_555 B DG 9  O6 ? ? A DC 4  B DG 21 1_555 ? ? ? ? ? ? WATSON-CRICK ? ? ? 
hydrog12 hydrog ? ? A DC 4  O2 ? ? ? 1_555 B DG 9  N2 ? ? A DC 4  B DG 21 1_555 ? ? ? ? ? ? WATSON-CRICK ? ? ? 
hydrog13 hydrog ? ? A DC 5  N3 ? ? ? 1_555 B DG 8  N1 ? ? A DC 5  B DG 20 1_555 ? ? ? ? ? ? WATSON-CRICK ? ? ? 
hydrog14 hydrog ? ? A DC 5  N4 ? ? ? 1_555 B DG 8  O6 ? ? A DC 5  B DG 20 1_555 ? ? ? ? ? ? WATSON-CRICK ? ? ? 
hydrog15 hydrog ? ? A DC 5  O2 ? ? ? 1_555 B DG 8  N2 ? ? A DC 5  B DG 20 1_555 ? ? ? ? ? ? WATSON-CRICK ? ? ? 
hydrog16 hydrog ? ? A DG 6  N1 ? ? ? 1_555 B DC 7  N3 ? ? A DG 6  B DC 19 1_555 ? ? ? ? ? ? WATSON-CRICK ? ? ? 
hydrog17 hydrog ? ? A DG 6  N2 ? ? ? 1_555 B DC 7  O2 ? ? A DG 6  B DC 19 1_555 ? ? ? ? ? ? WATSON-CRICK ? ? ? 
hydrog18 hydrog ? ? A DG 6  O6 ? ? ? 1_555 B DC 7  N4 ? ? A DG 6  B DC 19 1_555 ? ? ? ? ? ? WATSON-CRICK ? ? ? 
hydrog19 hydrog ? ? A DC 7  N3 ? ? ? 1_555 B DG 6  N1 ? ? A DC 7  B DG 18 1_555 ? ? ? ? ? ? WATSON-CRICK ? ? ? 
hydrog20 hydrog ? ? A DC 7  N4 ? ? ? 1_555 B DG 6  O6 ? ? A DC 7  B DG 18 1_555 ? ? ? ? ? ? WATSON-CRICK ? ? ? 
hydrog21 hydrog ? ? A DC 7  O2 ? ? ? 1_555 B DG 6  N2 ? ? A DC 7  B DG 18 1_555 ? ? ? ? ? ? WATSON-CRICK ? ? ? 
hydrog22 hydrog ? ? A DG 8  N1 ? ? ? 1_555 B DC 5  N3 ? ? A DG 8  B DC 17 1_555 ? ? ? ? ? ? WATSON-CRICK ? ? ? 
hydrog23 hydrog ? ? A DG 8  N2 ? ? ? 1_555 B DC 5  O2 ? ? A DG 8  B DC 17 1_555 ? ? ? ? ? ? WATSON-CRICK ? ? ? 
hydrog24 hydrog ? ? A DG 8  O6 ? ? ? 1_555 B DC 5  N4 ? ? A DG 8  B DC 17 1_555 ? ? ? ? ? ? WATSON-CRICK ? ? ? 
hydrog25 hydrog ? ? A DG 9  N1 ? ? ? 1_555 B DC 4  N3 ? ? A DG 9  B DC 16 1_555 ? ? ? ? ? ? WATSON-CRICK ? ? ? 
hydrog26 hydrog ? ? A DG 9  N2 ? ? ? 1_555 B DC 4  O2 ? ? A DG 9  B DC 16 1_555 ? ? ? ? ? ? WATSON-CRICK ? ? ? 
hydrog27 hydrog ? ? A DG 9  O6 ? ? ? 1_555 B DC 4  N4 ? ? A DG 9  B DC 16 1_555 ? ? ? ? ? ? WATSON-CRICK ? ? ? 
hydrog28 hydrog ? ? A DG 10 N1 ? ? ? 1_555 B DC 3  N3 ? ? A DG 10 B DC 15 1_555 ? ? ? ? ? ? WATSON-CRICK ? ? ? 
hydrog29 hydrog ? ? A DG 10 N2 ? ? ? 1_555 B DC 3  O2 ? ? A DG 10 B DC 15 1_555 ? ? ? ? ? ? WATSON-CRICK ? ? ? 
hydrog30 hydrog ? ? A DG 10 O6 ? ? ? 1_555 B DC 3  N4 ? ? A DG 10 B DC 15 1_555 ? ? ? ? ? ? WATSON-CRICK ? ? ? 
hydrog31 hydrog ? ? A DC 11 N3 ? ? ? 1_555 B DG 2  N1 ? ? A DC 11 B DG 14 1_555 ? ? ? ? ? ? WATSON-CRICK ? ? ? 
hydrog32 hydrog ? ? A DC 11 N4 ? ? ? 1_555 B DG 2  O6 ? ? A DC 11 B DG 14 1_555 ? ? ? ? ? ? WATSON-CRICK ? ? ? 
hydrog33 hydrog ? ? A DC 11 O2 ? ? ? 1_555 B DG 2  N2 ? ? A DC 11 B DG 14 1_555 ? ? ? ? ? ? WATSON-CRICK ? ? ? 
hydrog34 hydrog ? ? A DG 12 N1 ? ? ? 1_555 B DC 1  N3 ? ? A DG 12 B DC 13 1_555 ? ? ? ? ? ? WATSON-CRICK ? ? ? 
hydrog35 hydrog ? ? A DG 12 N2 ? ? ? 1_555 B DC 1  O2 ? ? A DG 12 B DC 13 1_555 ? ? ? ? ? ? WATSON-CRICK ? ? ? 
hydrog36 hydrog ? ? A DG 12 O6 ? ? ? 1_555 B DC 1  N4 ? ? A DG 12 B DC 13 1_555 ? ? ? ? ? ? WATSON-CRICK ? ? ? 
# 
_struct_conn_type.id          hydrog 
_struct_conn_type.criteria    ? 
_struct_conn_type.reference   ? 
# 
loop_
_pdbx_validate_symm_contact.id 
_pdbx_validate_symm_contact.PDB_model_num 
_pdbx_validate_symm_contact.auth_atom_id_1 
_pdbx_validate_symm_contact.auth_asym_id_1 
_pdbx_validate_symm_contact.auth_comp_id_1 
_pdbx_validate_symm_contact.auth_seq_id_1 
_pdbx_validate_symm_contact.PDB_ins_code_1 
_pdbx_validate_symm_contact.label_alt_id_1 
_pdbx_validate_symm_contact.site_symmetry_1 
_pdbx_validate_symm_contact.auth_atom_id_2 
_pdbx_validate_symm_contact.auth_asym_id_2 
_pdbx_validate_symm_contact.auth_comp_id_2 
_pdbx_validate_symm_contact.auth_seq_id_2 
_pdbx_validate_symm_contact.PDB_ins_code_2 
_pdbx_validate_symm_contact.label_alt_id_2 
_pdbx_validate_symm_contact.site_symmetry_2 
_pdbx_validate_symm_contact.dist 
1 1 O     A HOH 89 ? ? 1_555 O     B HOH 55 ? ? 4_456 1.44 
2 1 "C5'" A DG  6  ? ? 1_555 "O3'" B DG  24 ? ? 4_446 1.60 
3 1 O2    A DC  5  ? ? 1_555 N2    A DG  12 ? ? 2_655 1.87 
4 1 O2    B DC  13 ? ? 1_555 N2    B DG  20 ? ? 2_654 1.95 
# 
_pdbx_validate_rmsd_angle.id                         1 
_pdbx_validate_rmsd_angle.PDB_model_num              1 
_pdbx_validate_rmsd_angle.auth_atom_id_1             "O4'" 
_pdbx_validate_rmsd_angle.auth_asym_id_1             B 
_pdbx_validate_rmsd_angle.auth_comp_id_1             DC 
_pdbx_validate_rmsd_angle.auth_seq_id_1              15 
_pdbx_validate_rmsd_angle.PDB_ins_code_1             ? 
_pdbx_validate_rmsd_angle.label_alt_id_1             ? 
_pdbx_validate_rmsd_angle.auth_atom_id_2             "C4'" 
_pdbx_validate_rmsd_angle.auth_asym_id_2             B 
_pdbx_validate_rmsd_angle.auth_comp_id_2             DC 
_pdbx_validate_rmsd_angle.auth_seq_id_2              15 
_pdbx_validate_rmsd_angle.PDB_ins_code_2             ? 
_pdbx_validate_rmsd_angle.label_alt_id_2             ? 
_pdbx_validate_rmsd_angle.auth_atom_id_3             "C3'" 
_pdbx_validate_rmsd_angle.auth_asym_id_3             B 
_pdbx_validate_rmsd_angle.auth_comp_id_3             DC 
_pdbx_validate_rmsd_angle.auth_seq_id_3              15 
_pdbx_validate_rmsd_angle.PDB_ins_code_3             ? 
_pdbx_validate_rmsd_angle.label_alt_id_3             ? 
_pdbx_validate_rmsd_angle.angle_value                102.00 
_pdbx_validate_rmsd_angle.angle_target_value         104.50 
_pdbx_validate_rmsd_angle.angle_deviation            -2.50 
_pdbx_validate_rmsd_angle.angle_standard_deviation   0.40 
_pdbx_validate_rmsd_angle.linker_flag                N 
# 
loop_
_pdbx_validate_planes.id 
_pdbx_validate_planes.PDB_model_num 
_pdbx_validate_planes.auth_comp_id 
_pdbx_validate_planes.auth_asym_id 
_pdbx_validate_planes.auth_seq_id 
_pdbx_validate_planes.PDB_ins_code 
_pdbx_validate_planes.label_alt_id 
_pdbx_validate_planes.rmsd 
_pdbx_validate_planes.type 
1 1 DC A 1  ? ? 0.077 'SIDE CHAIN' 
2 1 DC B 23 ? ? 0.070 'SIDE CHAIN' 
# 
loop_
_chem_comp_atom.comp_id 
_chem_comp_atom.atom_id 
_chem_comp_atom.type_symbol 
_chem_comp_atom.pdbx_aromatic_flag 
_chem_comp_atom.pdbx_stereo_config 
_chem_comp_atom.pdbx_ordinal 
DC  OP3    O N N 1  
DC  P      P N N 2  
DC  OP1    O N N 3  
DC  OP2    O N N 4  
DC  "O5'"  O N N 5  
DC  "C5'"  C N N 6  
DC  "C4'"  C N R 7  
DC  "O4'"  O N N 8  
DC  "C3'"  C N S 9  
DC  "O3'"  O N N 10 
DC  "C2'"  C N N 11 
DC  "C1'"  C N R 12 
DC  N1     N N N 13 
DC  C2     C N N 14 
DC  O2     O N N 15 
DC  N3     N N N 16 
DC  C4     C N N 17 
DC  N4     N N N 18 
DC  C5     C N N 19 
DC  C6     C N N 20 
DC  HOP3   H N N 21 
DC  HOP2   H N N 22 
DC  "H5'"  H N N 23 
DC  "H5''" H N N 24 
DC  "H4'"  H N N 25 
DC  "H3'"  H N N 26 
DC  "HO3'" H N N 27 
DC  "H2'"  H N N 28 
DC  "H2''" H N N 29 
DC  "H1'"  H N N 30 
DC  H41    H N N 31 
DC  H42    H N N 32 
DC  H5     H N N 33 
DC  H6     H N N 34 
DG  OP3    O N N 35 
DG  P      P N N 36 
DG  OP1    O N N 37 
DG  OP2    O N N 38 
DG  "O5'"  O N N 39 
DG  "C5'"  C N N 40 
DG  "C4'"  C N R 41 
DG  "O4'"  O N N 42 
DG  "C3'"  C N S 43 
DG  "O3'"  O N N 44 
DG  "C2'"  C N N 45 
DG  "C1'"  C N R 46 
DG  N9     N Y N 47 
DG  C8     C Y N 48 
DG  N7     N Y N 49 
DG  C5     C Y N 50 
DG  C6     C N N 51 
DG  O6     O N N 52 
DG  N1     N N N 53 
DG  C2     C N N 54 
DG  N2     N N N 55 
DG  N3     N N N 56 
DG  C4     C Y N 57 
DG  HOP3   H N N 58 
DG  HOP2   H N N 59 
DG  "H5'"  H N N 60 
DG  "H5''" H N N 61 
DG  "H4'"  H N N 62 
DG  "H3'"  H N N 63 
DG  "HO3'" H N N 64 
DG  "H2'"  H N N 65 
DG  "H2''" H N N 66 
DG  "H1'"  H N N 67 
DG  H8     H N N 68 
DG  H1     H N N 69 
DG  H21    H N N 70 
DG  H22    H N N 71 
HOH O      O N N 72 
HOH H1     H N N 73 
HOH H2     H N N 74 
# 
loop_
_chem_comp_bond.comp_id 
_chem_comp_bond.atom_id_1 
_chem_comp_bond.atom_id_2 
_chem_comp_bond.value_order 
_chem_comp_bond.pdbx_aromatic_flag 
_chem_comp_bond.pdbx_stereo_config 
_chem_comp_bond.pdbx_ordinal 
DC  OP3   P      sing N N 1  
DC  OP3   HOP3   sing N N 2  
DC  P     OP1    doub N N 3  
DC  P     OP2    sing N N 4  
DC  P     "O5'"  sing N N 5  
DC  OP2   HOP2   sing N N 6  
DC  "O5'" "C5'"  sing N N 7  
DC  "C5'" "C4'"  sing N N 8  
DC  "C5'" "H5'"  sing N N 9  
DC  "C5'" "H5''" sing N N 10 
DC  "C4'" "O4'"  sing N N 11 
DC  "C4'" "C3'"  sing N N 12 
DC  "C4'" "H4'"  sing N N 13 
DC  "O4'" "C1'"  sing N N 14 
DC  "C3'" "O3'"  sing N N 15 
DC  "C3'" "C2'"  sing N N 16 
DC  "C3'" "H3'"  sing N N 17 
DC  "O3'" "HO3'" sing N N 18 
DC  "C2'" "C1'"  sing N N 19 
DC  "C2'" "H2'"  sing N N 20 
DC  "C2'" "H2''" sing N N 21 
DC  "C1'" N1     sing N N 22 
DC  "C1'" "H1'"  sing N N 23 
DC  N1    C2     sing N N 24 
DC  N1    C6     sing N N 25 
DC  C2    O2     doub N N 26 
DC  C2    N3     sing N N 27 
DC  N3    C4     doub N N 28 
DC  C4    N4     sing N N 29 
DC  C4    C5     sing N N 30 
DC  N4    H41    sing N N 31 
DC  N4    H42    sing N N 32 
DC  C5    C6     doub N N 33 
DC  C5    H5     sing N N 34 
DC  C6    H6     sing N N 35 
DG  OP3   P      sing N N 36 
DG  OP3   HOP3   sing N N 37 
DG  P     OP1    doub N N 38 
DG  P     OP2    sing N N 39 
DG  P     "O5'"  sing N N 40 
DG  OP2   HOP2   sing N N 41 
DG  "O5'" "C5'"  sing N N 42 
DG  "C5'" "C4'"  sing N N 43 
DG  "C5'" "H5'"  sing N N 44 
DG  "C5'" "H5''" sing N N 45 
DG  "C4'" "O4'"  sing N N 46 
DG  "C4'" "C3'"  sing N N 47 
DG  "C4'" "H4'"  sing N N 48 
DG  "O4'" "C1'"  sing N N 49 
DG  "C3'" "O3'"  sing N N 50 
DG  "C3'" "C2'"  sing N N 51 
DG  "C3'" "H3'"  sing N N 52 
DG  "O3'" "HO3'" sing N N 53 
DG  "C2'" "C1'"  sing N N 54 
DG  "C2'" "H2'"  sing N N 55 
DG  "C2'" "H2''" sing N N 56 
DG  "C1'" N9     sing N N 57 
DG  "C1'" "H1'"  sing N N 58 
DG  N9    C8     sing Y N 59 
DG  N9    C4     sing Y N 60 
DG  C8    N7     doub Y N 61 
DG  C8    H8     sing N N 62 
DG  N7    C5     sing Y N 63 
DG  C5    C6     sing N N 64 
DG  C5    C4     doub Y N 65 
DG  C6    O6     doub N N 66 
DG  C6    N1     sing N N 67 
DG  N1    C2     sing N N 68 
DG  N1    H1     sing N N 69 
DG  C2    N2     sing N N 70 
DG  C2    N3     doub N N 71 
DG  N2    H21    sing N N 72 
DG  N2    H22    sing N N 73 
DG  N3    C4     sing N N 74 
HOH O     H1     sing N N 75 
HOH O     H2     sing N N 76 
# 
loop_
_ndb_struct_conf_na.entry_id 
_ndb_struct_conf_na.feature 
399D 'double helix'        
399D 'a-form double helix' 
# 
loop_
_ndb_struct_na_base_pair.model_number 
_ndb_struct_na_base_pair.i_label_asym_id 
_ndb_struct_na_base_pair.i_label_comp_id 
_ndb_struct_na_base_pair.i_label_seq_id 
_ndb_struct_na_base_pair.i_symmetry 
_ndb_struct_na_base_pair.j_label_asym_id 
_ndb_struct_na_base_pair.j_label_comp_id 
_ndb_struct_na_base_pair.j_label_seq_id 
_ndb_struct_na_base_pair.j_symmetry 
_ndb_struct_na_base_pair.shear 
_ndb_struct_na_base_pair.stretch 
_ndb_struct_na_base_pair.stagger 
_ndb_struct_na_base_pair.buckle 
_ndb_struct_na_base_pair.propeller 
_ndb_struct_na_base_pair.opening 
_ndb_struct_na_base_pair.pair_number 
_ndb_struct_na_base_pair.pair_name 
_ndb_struct_na_base_pair.i_auth_asym_id 
_ndb_struct_na_base_pair.i_auth_seq_id 
_ndb_struct_na_base_pair.i_PDB_ins_code 
_ndb_struct_na_base_pair.j_auth_asym_id 
_ndb_struct_na_base_pair.j_auth_seq_id 
_ndb_struct_na_base_pair.j_PDB_ins_code 
_ndb_struct_na_base_pair.hbond_type_28 
_ndb_struct_na_base_pair.hbond_type_12 
1 A DC 1  1_555 B DG 12 1_555 0.045  -0.150 0.279  -21.379 5.403   1.346  1  A_DC1:DG24_B  A 1  ? B 24 ? 19 1 
1 A DG 2  1_555 B DC 11 1_555 -0.200 -0.162 0.352  14.783  -1.248  3.758  2  A_DG2:DC23_B  A 2  ? B 23 ? 19 1 
1 A DC 3  1_555 B DG 10 1_555 0.088  -0.126 0.030  14.379  -13.303 -2.042 3  A_DC3:DG22_B  A 3  ? B 22 ? 19 1 
1 A DC 4  1_555 B DG 9  1_555 0.315  -0.183 -0.262 10.530  -16.171 4.275  4  A_DC4:DG21_B  A 4  ? B 21 ? 19 1 
1 A DC 5  1_555 B DG 8  1_555 0.309  -0.106 0.023  0.196   -11.109 2.914  5  A_DC5:DG20_B  A 5  ? B 20 ? 19 1 
1 A DG 6  1_555 B DC 7  1_555 -0.173 -0.219 -0.148 -3.503  -11.153 -1.219 6  A_DG6:DC19_B  A 6  ? B 19 ? 19 1 
1 A DC 7  1_555 B DG 6  1_555 0.134  -0.068 -0.298 1.049   -12.669 4.202  7  A_DC7:DG18_B  A 7  ? B 18 ? 19 1 
1 A DG 8  1_555 B DC 5  1_555 0.006  -0.083 -0.118 -4.242  -9.481  -0.166 8  A_DG8:DC17_B  A 8  ? B 17 ? 19 1 
1 A DG 9  1_555 B DC 4  1_555 -0.163 -0.093 -0.154 -10.358 -13.128 2.806  9  A_DG9:DC16_B  A 9  ? B 16 ? 19 1 
1 A DG 10 1_555 B DC 3  1_555 -0.133 -0.093 -0.122 -17.970 -12.869 -0.767 10 A_DG10:DC15_B A 10 ? B 15 ? 19 1 
1 A DC 11 1_555 B DG 2  1_555 0.183  -0.144 0.065  -15.098 -1.191  -0.743 11 A_DC11:DG14_B A 11 ? B 14 ? 19 1 
1 A DG 12 1_555 B DC 1  1_555 0.055  -0.122 0.343  18.704  3.290   -0.826 12 A_DG12:DC13_B A 12 ? B 13 ? 19 1 
# 
loop_
_ndb_struct_na_base_pair_step.model_number 
_ndb_struct_na_base_pair_step.i_label_asym_id_1 
_ndb_struct_na_base_pair_step.i_label_comp_id_1 
_ndb_struct_na_base_pair_step.i_label_seq_id_1 
_ndb_struct_na_base_pair_step.i_symmetry_1 
_ndb_struct_na_base_pair_step.j_label_asym_id_1 
_ndb_struct_na_base_pair_step.j_label_comp_id_1 
_ndb_struct_na_base_pair_step.j_label_seq_id_1 
_ndb_struct_na_base_pair_step.j_symmetry_1 
_ndb_struct_na_base_pair_step.i_label_asym_id_2 
_ndb_struct_na_base_pair_step.i_label_comp_id_2 
_ndb_struct_na_base_pair_step.i_label_seq_id_2 
_ndb_struct_na_base_pair_step.i_symmetry_2 
_ndb_struct_na_base_pair_step.j_label_asym_id_2 
_ndb_struct_na_base_pair_step.j_label_comp_id_2 
_ndb_struct_na_base_pair_step.j_label_seq_id_2 
_ndb_struct_na_base_pair_step.j_symmetry_2 
_ndb_struct_na_base_pair_step.shift 
_ndb_struct_na_base_pair_step.slide 
_ndb_struct_na_base_pair_step.rise 
_ndb_struct_na_base_pair_step.tilt 
_ndb_struct_na_base_pair_step.roll 
_ndb_struct_na_base_pair_step.twist 
_ndb_struct_na_base_pair_step.x_displacement 
_ndb_struct_na_base_pair_step.y_displacement 
_ndb_struct_na_base_pair_step.helical_rise 
_ndb_struct_na_base_pair_step.inclination 
_ndb_struct_na_base_pair_step.tip 
_ndb_struct_na_base_pair_step.helical_twist 
_ndb_struct_na_base_pair_step.step_number 
_ndb_struct_na_base_pair_step.step_name 
_ndb_struct_na_base_pair_step.i_auth_asym_id_1 
_ndb_struct_na_base_pair_step.i_auth_seq_id_1 
_ndb_struct_na_base_pair_step.i_PDB_ins_code_1 
_ndb_struct_na_base_pair_step.j_auth_asym_id_1 
_ndb_struct_na_base_pair_step.j_auth_seq_id_1 
_ndb_struct_na_base_pair_step.j_PDB_ins_code_1 
_ndb_struct_na_base_pair_step.i_auth_asym_id_2 
_ndb_struct_na_base_pair_step.i_auth_seq_id_2 
_ndb_struct_na_base_pair_step.i_PDB_ins_code_2 
_ndb_struct_na_base_pair_step.j_auth_asym_id_2 
_ndb_struct_na_base_pair_step.j_auth_seq_id_2 
_ndb_struct_na_base_pair_step.j_PDB_ins_code_2 
1 A DC 1  1_555 B DG 12 1_555 A DG 2  1_555 B DC 11 1_555 0.166  1.724  2.740 -0.031 10.650 17.730 0.224  -0.476 3.236 31.168 
0.092  20.661 1  AA_DC1DG2:DC23DG24_BB   A 1  ? B 24 ? A 2  ? B 23 ? 
1 A DG 2  1_555 B DC 11 1_555 A DC 3  1_555 B DG 10 1_555 0.635  -0.725 3.475 1.125  -1.679 30.278 -1.024 -0.971 3.530 -3.209 
-2.151 30.344 2  AA_DG2DC3:DG22DC23_BB   A 2  ? B 23 ? A 3  ? B 22 ? 
1 A DC 3  1_555 B DG 10 1_555 A DC 4  1_555 B DG 9  1_555 0.215  -1.762 3.496 -1.657 5.241  32.959 -3.956 -0.656 3.172 9.158  
2.895  33.402 3  AA_DC3DC4:DG21DG22_BB   A 3  ? B 22 ? A 4  ? B 21 ? 
1 A DC 4  1_555 B DG 9  1_555 A DC 5  1_555 B DG 8  1_555 -0.584 -1.959 3.591 -4.659 6.813  29.557 -5.108 0.144  3.126 13.037 
8.916  30.663 4  AA_DC4DC5:DG20DG21_BB   A 4  ? B 21 ? A 5  ? B 20 ? 
1 A DC 5  1_555 B DG 8  1_555 A DG 6  1_555 B DC 7  1_555 -0.834 -1.625 3.377 0.817  10.636 27.276 -5.384 1.818  2.551 21.538 
-1.654 29.251 5  AA_DC5DG6:DC19DG20_BB   A 5  ? B 20 ? A 6  ? B 19 ? 
1 A DG 6  1_555 B DC 7  1_555 A DC 7  1_555 B DG 6  1_555 0.555  -0.809 3.324 1.617  18.871 31.257 -3.814 -0.673 2.480 31.649 
-2.711 36.425 6  AA_DG6DC7:DG18DC19_BB   A 6  ? B 19 ? A 7  ? B 18 ? 
1 A DC 7  1_555 B DG 6  1_555 A DG 8  1_555 B DC 5  1_555 0.292  -1.856 3.460 -0.589 19.199 22.758 -7.091 -0.676 1.474 40.598 
1.245  29.699 7  AA_DC7DG8:DC17DG18_BB   A 7  ? B 18 ? A 8  ? B 17 ? 
1 A DG 8  1_555 B DC 5  1_555 A DG 9  1_555 B DC 4  1_555 0.700  -1.945 3.513 2.073  8.438  32.249 -4.798 -0.872 2.961 14.857 
-3.650 33.369 8  AA_DG8DG9:DC16DC17_BB   A 8  ? B 17 ? A 9  ? B 16 ? 
1 A DG 9  1_555 B DC 4  1_555 A DG 10 1_555 B DC 3  1_555 0.152  -1.976 3.436 4.759  7.762  31.041 -4.901 0.556  2.863 14.127 
-8.662 32.317 9  AA_DG9DG10:DC15DC16_BB  A 9  ? B 16 ? A 10 ? B 15 ? 
1 A DG 10 1_555 B DC 3  1_555 A DC 11 1_555 B DG 2  1_555 -0.541 -0.793 3.387 3.293  0.274  33.873 -1.401 1.464  3.315 0.468  
-5.636 34.029 10 AA_DG10DC11:DG14DC15_BB A 10 ? B 15 ? A 11 ? B 14 ? 
1 A DC 11 1_555 B DG 2  1_555 A DG 12 1_555 B DC 1  1_555 0.177  1.196  2.780 -1.967 13.998 26.204 -0.436 -0.734 2.999 28.398 
3.991  29.715 11 AA_DC11DG12:DC13DG14_BB A 11 ? B 14 ? A 12 ? B 13 ? 
# 
_atom_sites.entry_id                    399D 
_atom_sites.fract_transf_matrix[1][1]   0.01263929 
_atom_sites.fract_transf_matrix[1][2]   0.02737224 
_atom_sites.fract_transf_matrix[1][3]   0.01060124 
_atom_sites.fract_transf_matrix[2][1]   0.02128249 
_atom_sites.fract_transf_matrix[2][2]   -0.00718910 
_atom_sites.fract_transf_matrix[2][3]   -0.00681184 
_atom_sites.fract_transf_matrix[3][1]   -0.00333971 
_atom_sites.fract_transf_matrix[3][2]   0.00944329 
_atom_sites.fract_transf_matrix[3][3]   -0.02040067 
_atom_sites.fract_transf_vector[1]      0.877173 
_atom_sites.fract_transf_vector[2]      0.031446 
_atom_sites.fract_transf_vector[3]      0.329423 
# 
loop_
_atom_type.symbol 
C 
N 
O 
P 
# 
loop_
_atom_site.group_PDB 
_atom_site.id 
_atom_site.type_symbol 
_atom_site.label_atom_id 
_atom_site.label_alt_id 
_atom_site.label_comp_id 
_atom_site.label_asym_id 
_atom_site.label_entity_id 
_atom_site.label_seq_id 
_atom_site.pdbx_PDB_ins_code 
_atom_site.Cartn_x 
_atom_site.Cartn_y 
_atom_site.Cartn_z 
_atom_site.occupancy 
_atom_site.B_iso_or_equiv 
_atom_site.pdbx_formal_charge 
_atom_site.auth_seq_id 
_atom_site.auth_comp_id 
_atom_site.auth_asym_id 
_atom_site.auth_atom_id 
_atom_site.pdbx_PDB_model_num 
ATOM   1   O "O5'" . DC  A 1 1  ? 0.306   11.228  9.282   1.00 19.52 ? 1  DC  A "O5'" 1 
ATOM   2   C "C5'" . DC  A 1 1  ? 0.176   11.591  10.667  1.00 20.59 ? 1  DC  A "C5'" 1 
ATOM   3   C "C4'" . DC  A 1 1  ? -1.293  11.859  10.898  1.00 19.02 ? 1  DC  A "C4'" 1 
ATOM   4   O "O4'" . DC  A 1 1  ? -1.693  12.869  9.977   1.00 18.93 ? 1  DC  A "O4'" 1 
ATOM   5   C "C3'" . DC  A 1 1  ? -2.159  10.637  10.640  1.00 16.30 ? 1  DC  A "C3'" 1 
ATOM   6   O "O3'" . DC  A 1 1  ? -2.710  10.318  11.914  1.00 16.13 ? 1  DC  A "O3'" 1 
ATOM   7   C "C2'" . DC  A 1 1  ? -3.309  11.139  9.786   1.00 17.03 ? 1  DC  A "C2'" 1 
ATOM   8   C "C1'" . DC  A 1 1  ? -2.921  12.541  9.370   1.00 16.07 ? 1  DC  A "C1'" 1 
ATOM   9   N N1    . DC  A 1 1  ? -2.800  12.873  7.963   1.00 14.54 ? 1  DC  A N1    1 
ATOM   10  C C2    . DC  A 1 1  ? -3.939  12.921  7.154   1.00 10.68 ? 1  DC  A C2    1 
ATOM   11  O O2    . DC  A 1 1  ? -5.019  12.503  7.590   1.00 9.00  ? 1  DC  A O2    1 
ATOM   12  N N3    . DC  A 1 1  ? -3.821  13.415  5.902   1.00 13.46 ? 1  DC  A N3    1 
ATOM   13  C C4    . DC  A 1 1  ? -2.630  13.813  5.446   1.00 10.54 ? 1  DC  A C4    1 
ATOM   14  N N4    . DC  A 1 1  ? -2.581  14.338  4.236   1.00 12.02 ? 1  DC  A N4    1 
ATOM   15  C C5    . DC  A 1 1  ? -1.443  13.692  6.222   1.00 11.61 ? 1  DC  A C5    1 
ATOM   16  C C6    . DC  A 1 1  ? -1.574  13.209  7.460   1.00 12.57 ? 1  DC  A C6    1 
ATOM   17  P P     . DG  A 1 2  ? -2.014  9.221   12.842  1.00 14.36 ? 2  DG  A P     1 
ATOM   18  O OP1   . DG  A 1 2  ? -2.732  9.226   14.130  1.00 14.89 ? 2  DG  A OP1   1 
ATOM   19  O OP2   . DG  A 1 2  ? -0.563  9.485   12.816  1.00 15.77 ? 2  DG  A OP2   1 
ATOM   20  O "O5'" . DG  A 1 2  ? -2.297  7.864   12.056  1.00 13.71 ? 2  DG  A "O5'" 1 
ATOM   21  C "C5'" . DG  A 1 2  ? -3.627  7.310   11.959  1.00 14.13 ? 2  DG  A "C5'" 1 
ATOM   22  C "C4'" . DG  A 1 2  ? -3.868  6.775   10.568  1.00 14.57 ? 2  DG  A "C4'" 1 
ATOM   23  O "O4'" . DG  A 1 2  ? -3.674  7.812   9.605   1.00 15.30 ? 2  DG  A "O4'" 1 
ATOM   24  C "C3'" . DG  A 1 2  ? -2.968  5.636   10.107  1.00 12.31 ? 2  DG  A "C3'" 1 
ATOM   25  O "O3'" . DG  A 1 2  ? -3.752  4.474   10.235  1.00 13.74 ? 2  DG  A "O3'" 1 
ATOM   26  C "C2'" . DG  A 1 2  ? -2.862  5.828   8.613   1.00 17.76 ? 2  DG  A "C2'" 1 
ATOM   27  C "C1'" . DG  A 1 2  ? -3.469  7.180   8.368   1.00 14.64 ? 2  DG  A "C1'" 1 
ATOM   28  N N9    . DG  A 1 2  ? -2.780  8.084   7.470   1.00 15.72 ? 2  DG  A N9    1 
ATOM   29  C C8    . DG  A 1 2  ? -1.435  8.339   7.314   1.00 12.93 ? 2  DG  A C8    1 
ATOM   30  N N7    . DG  A 1 2  ? -1.190  9.154   6.318   1.00 14.10 ? 2  DG  A N7    1 
ATOM   31  C C5    . DG  A 1 2  ? -2.454  9.455   5.811   1.00 14.05 ? 2  DG  A C5    1 
ATOM   32  C C6    . DG  A 1 2  ? -2.861  10.266  4.703   1.00 13.76 ? 2  DG  A C6    1 
ATOM   33  O O6    . DG  A 1 2  ? -2.168  10.908  3.909   1.00 16.71 ? 2  DG  A O6    1 
ATOM   34  N N1    . DG  A 1 2  ? -4.239  10.281  4.568   1.00 14.32 ? 2  DG  A N1    1 
ATOM   35  C C2    . DG  A 1 2  ? -5.132  9.629   5.396   1.00 13.94 ? 2  DG  A C2    1 
ATOM   36  N N2    . DG  A 1 2  ? -6.449  9.820   5.153   1.00 14.64 ? 2  DG  A N2    1 
ATOM   37  N N3    . DG  A 1 2  ? -4.769  8.865   6.394   1.00 14.25 ? 2  DG  A N3    1 
ATOM   38  C C4    . DG  A 1 2  ? -3.431  8.822   6.541   1.00 14.17 ? 2  DG  A C4    1 
ATOM   39  P P     . DC  A 1 3  ? -3.116  3.044   9.991   1.00 14.71 ? 3  DC  A P     1 
ATOM   40  O OP1   . DC  A 1 3  ? -3.206  2.318   11.272  1.00 18.95 ? 3  DC  A OP1   1 
ATOM   41  O OP2   . DC  A 1 3  ? -1.826  3.191   9.330   1.00 17.30 ? 3  DC  A OP2   1 
ATOM   42  O "O5'" . DC  A 1 3  ? -4.151  2.369   8.998   1.00 14.01 ? 3  DC  A "O5'" 1 
ATOM   43  C "C5'" . DC  A 1 3  ? -3.964  2.454   7.585   1.00 13.81 ? 3  DC  A "C5'" 1 
ATOM   44  C "C4'" . DC  A 1 3  ? -5.087  3.244   6.961   1.00 12.44 ? 3  DC  A "C4'" 1 
ATOM   45  O "O4'" . DC  A 1 3  ? -4.730  4.643   6.910   1.00 10.78 ? 3  DC  A "O4'" 1 
ATOM   46  C "C3'" . DC  A 1 3  ? -5.308  2.879   5.509   1.00 12.48 ? 3  DC  A "C3'" 1 
ATOM   47  O "O3'" . DC  A 1 3  ? -6.106  1.715   5.450   1.00 14.52 ? 3  DC  A "O3'" 1 
ATOM   48  C "C2'" . DC  A 1 3  ? -6.001  4.114   4.974   1.00 11.68 ? 3  DC  A "C2'" 1 
ATOM   49  C "C1'" . DC  A 1 3  ? -5.236  5.212   5.699   1.00 12.13 ? 3  DC  A "C1'" 1 
ATOM   50  N N1    . DC  A 1 3  ? -4.091  5.735   4.929   1.00 13.52 ? 3  DC  A N1    1 
ATOM   51  C C2    . DC  A 1 3  ? -4.339  6.604   3.859   1.00 11.63 ? 3  DC  A C2    1 
ATOM   52  O O2    . DC  A 1 3  ? -5.498  6.873   3.561   1.00 12.72 ? 3  DC  A O2    1 
ATOM   53  N N3    . DC  A 1 3  ? -3.311  7.130   3.177   1.00 11.59 ? 3  DC  A N3    1 
ATOM   54  C C4    . DC  A 1 3  ? -2.064  6.829   3.520   1.00 12.37 ? 3  DC  A C4    1 
ATOM   55  N N4    . DC  A 1 3  ? -1.081  7.433   2.848   1.00 11.90 ? 3  DC  A N4    1 
ATOM   56  C C5    . DC  A 1 3  ? -1.771  5.915   4.578   1.00 13.60 ? 3  DC  A C5    1 
ATOM   57  C C6    . DC  A 1 3  ? -2.806  5.396   5.253   1.00 12.63 ? 3  DC  A C6    1 
ATOM   58  P P     . DC  A 1 4  ? -5.852  0.637   4.300   1.00 14.00 ? 4  DC  A P     1 
ATOM   59  O OP1   . DC  A 1 4  ? -6.711  -0.537  4.577   1.00 16.17 ? 4  DC  A OP1   1 
ATOM   60  O OP2   . DC  A 1 4  ? -4.418  0.450   4.106   1.00 15.42 ? 4  DC  A OP2   1 
ATOM   61  O "O5'" . DC  A 1 4  ? -6.385  1.384   3.016   1.00 12.68 ? 4  DC  A "O5'" 1 
ATOM   62  C "C5'" . DC  A 1 4  ? -7.740  1.822   2.959   1.00 11.67 ? 4  DC  A "C5'" 1 
ATOM   63  C "C4'" . DC  A 1 4  ? -7.933  2.745   1.784   1.00 9.77  ? 4  DC  A "C4'" 1 
ATOM   64  O "O4'" . DC  A 1 4  ? -7.138  3.936   1.926   1.00 9.22  ? 4  DC  A "O4'" 1 
ATOM   65  C "C3'" . DC  A 1 4  ? -7.488  2.163   0.458   1.00 10.59 ? 4  DC  A "C3'" 1 
ATOM   66  O "O3'" . DC  A 1 4  ? -8.479  1.284   -0.060  1.00 13.20 ? 4  DC  A "O3'" 1 
ATOM   67  C "C2'" . DC  A 1 4  ? -7.320  3.403   -0.390  1.00 8.64  ? 4  DC  A "C2'" 1 
ATOM   68  C "C1'" . DC  A 1 4  ? -6.767  4.394   0.623   1.00 8.88  ? 4  DC  A "C1'" 1 
ATOM   69  N N1    . DC  A 1 4  ? -5.313  4.501   0.590   1.00 11.51 ? 4  DC  A N1    1 
ATOM   70  C C2    . DC  A 1 4  ? -4.721  5.306   -0.384  1.00 10.33 ? 4  DC  A C2    1 
ATOM   71  O O2    . DC  A 1 4  ? -5.428  5.826   -1.268  1.00 10.31 ? 4  DC  A O2    1 
ATOM   72  N N3    . DC  A 1 4  ? -3.396  5.489   -0.365  1.00 10.92 ? 4  DC  A N3    1 
ATOM   73  C C4    . DC  A 1 4  ? -2.651  4.872   0.539   1.00 11.45 ? 4  DC  A C4    1 
ATOM   74  N N4    . DC  A 1 4  ? -1.332  5.094   0.500   1.00 9.67  ? 4  DC  A N4    1 
ATOM   75  C C5    . DC  A 1 4  ? -3.219  4.000   1.517   1.00 12.31 ? 4  DC  A C5    1 
ATOM   76  C C6    . DC  A 1 4  ? -4.545  3.848   1.509   1.00 11.62 ? 4  DC  A C6    1 
ATOM   77  P P     . DC  A 1 5  ? -8.035  0.076   -1.004  1.00 14.60 ? 5  DC  A P     1 
ATOM   78  O OP1   . DC  A 1 5  ? -9.224  -0.755  -1.249  1.00 15.87 ? 5  DC  A OP1   1 
ATOM   79  O OP2   . DC  A 1 5  ? -6.807  -0.520  -0.420  1.00 17.75 ? 5  DC  A OP2   1 
ATOM   80  O "O5'" . DC  A 1 5  ? -7.637  0.791   -2.363  1.00 14.41 ? 5  DC  A "O5'" 1 
ATOM   81  C "C5'" . DC  A 1 5  ? -8.600  1.569   -3.070  1.00 10.31 ? 5  DC  A "C5'" 1 
ATOM   82  C "C4'" . DC  A 1 5  ? -7.965  2.217   -4.274  1.00 7.84  ? 5  DC  A "C4'" 1 
ATOM   83  O "O4'" . DC  A 1 5  ? -7.057  3.253   -3.859  1.00 10.14 ? 5  DC  A "O4'" 1 
ATOM   84  C "C3'" . DC  A 1 5  ? -7.096  1.317   -5.128  1.00 9.13  ? 5  DC  A "C3'" 1 
ATOM   85  O "O3'" . DC  A 1 5  ? -7.876  0.497   -5.988  1.00 12.21 ? 5  DC  A "O3'" 1 
ATOM   86  C "C2'" . DC  A 1 5  ? -6.288  2.337   -5.906  1.00 7.05  ? 5  DC  A "C2'" 1 
ATOM   87  C "C1'" . DC  A 1 5  ? -6.043  3.400   -4.842  1.00 8.05  ? 5  DC  A "C1'" 1 
ATOM   88  N N1    . DC  A 1 5  ? -4.748  3.269   -4.166  1.00 9.33  ? 5  DC  A N1    1 
ATOM   89  C C2    . DC  A 1 5  ? -3.602  3.766   -4.806  1.00 10.12 ? 5  DC  A C2    1 
ATOM   90  O O2    . DC  A 1 5  ? -3.705  4.272   -5.944  1.00 12.21 ? 5  DC  A O2    1 
ATOM   91  N N3    . DC  A 1 5  ? -2.406  3.670   -4.174  1.00 9.19  ? 5  DC  A N3    1 
ATOM   92  C C4    . DC  A 1 5  ? -2.328  3.086   -2.980  1.00 8.05  ? 5  DC  A C4    1 
ATOM   93  N N4    . DC  A 1 5  ? -1.121  3.002   -2.412  1.00 7.36  ? 5  DC  A N4    1 
ATOM   94  C C5    . DC  A 1 5  ? -3.476  2.557   -2.315  1.00 8.79  ? 5  DC  A C5    1 
ATOM   95  C C6    . DC  A 1 5  ? -4.651  2.673   -2.935  1.00 8.32  ? 5  DC  A C6    1 
ATOM   96  P P     . DG  A 1 6  ? -7.243  -0.852  -6.558  1.00 13.69 ? 6  DG  A P     1 
ATOM   97  O OP1   . DG  A 1 6  ? -8.285  -1.653  -7.267  1.00 14.01 ? 6  DG  A OP1   1 
ATOM   98  O OP2   . DG  A 1 6  ? -6.482  -1.455  -5.433  1.00 12.02 ? 6  DG  A OP2   1 
ATOM   99  O "O5'" . DG  A 1 6  ? -6.207  -0.312  -7.633  1.00 11.33 ? 6  DG  A "O5'" 1 
ATOM   100 C "C5'" . DG  A 1 6  ? -6.664  0.403   -8.777  1.00 10.88 ? 6  DG  A "C5'" 1 
ATOM   101 C "C4'" . DG  A 1 6  ? -5.504  0.734   -9.682  1.00 11.13 ? 6  DG  A "C4'" 1 
ATOM   102 O "O4'" . DG  A 1 6  ? -4.646  1.731   -9.093  1.00 13.40 ? 6  DG  A "O4'" 1 
ATOM   103 C "C3'" . DG  A 1 6  ? -4.576  -0.429  -9.956  1.00 9.72  ? 6  DG  A "C3'" 1 
ATOM   104 O "O3'" . DG  A 1 6  ? -5.131  -1.226  -10.981 1.00 12.37 ? 6  DG  A "O3'" 1 
ATOM   105 C "C2'" . DG  A 1 6  ? -3.332  0.289   -10.440 1.00 13.17 ? 6  DG  A "C2'" 1 
ATOM   106 C "C1'" . DG  A 1 6  ? -3.304  1.508   -9.518  1.00 10.85 ? 6  DG  A "C1'" 1 
ATOM   107 N N9    . DG  A 1 6  ? -2.489  1.317   -8.325  1.00 9.76  ? 6  DG  A N9    1 
ATOM   108 C C8    . DG  A 1 6  ? -2.899  0.837   -7.106  1.00 9.52  ? 6  DG  A C8    1 
ATOM   109 N N7    . DG  A 1 6  ? -1.944  0.808   -6.219  1.00 8.08  ? 6  DG  A N7    1 
ATOM   110 C C5    . DG  A 1 6  ? -0.841  1.285   -6.901  1.00 7.99  ? 6  DG  A C5    1 
ATOM   111 C C6    . DG  A 1 6  ? 0.491   1.468   -6.472  1.00 9.75  ? 6  DG  A C6    1 
ATOM   112 O O6    . DG  A 1 6  ? 0.973   1.274   -5.360  1.00 8.80  ? 6  DG  A O6    1 
ATOM   113 N N1    . DG  A 1 6  ? 1.293   1.938   -7.493  1.00 10.14 ? 6  DG  A N1    1 
ATOM   114 C C2    . DG  A 1 6  ? 0.871   2.212   -8.760  1.00 9.00  ? 6  DG  A C2    1 
ATOM   115 N N2    . DG  A 1 6  ? 1.806   2.638   -9.594  1.00 7.81  ? 6  DG  A N2    1 
ATOM   116 N N3    . DG  A 1 6  ? -0.372  2.073   -9.173  1.00 8.62  ? 6  DG  A N3    1 
ATOM   117 C C4    . DG  A 1 6  ? -1.166  1.599   -8.204  1.00 8.81  ? 6  DG  A C4    1 
ATOM   118 P P     . DC  A 1 7  ? -4.925  -2.803  -10.954 1.00 14.95 ? 7  DC  A P     1 
ATOM   119 O OP1   . DC  A 1 7  ? -5.711  -3.393  -12.076 1.00 15.30 ? 7  DC  A OP1   1 
ATOM   120 O OP2   . DC  A 1 7  ? -5.151  -3.249  -9.566  1.00 13.60 ? 7  DC  A OP2   1 
ATOM   121 O "O5'" . DC  A 1 7  ? -3.386  -3.015  -11.300 1.00 14.41 ? 7  DC  A "O5'" 1 
ATOM   122 C "C5'" . DC  A 1 7  ? -2.881  -2.652  -12.586 1.00 13.25 ? 7  DC  A "C5'" 1 
ATOM   123 C "C4'" . DC  A 1 7  ? -1.376  -2.688  -12.579 1.00 14.02 ? 7  DC  A "C4'" 1 
ATOM   124 O "O4'" . DC  A 1 7  ? -0.845  -1.687  -11.689 1.00 16.26 ? 7  DC  A "O4'" 1 
ATOM   125 C "C3'" . DC  A 1 7  ? -0.789  -3.981  -12.053 1.00 15.30 ? 7  DC  A "C3'" 1 
ATOM   126 O "O3'" . DC  A 1 7  ? -0.850  -4.994  -13.058 1.00 18.02 ? 7  DC  A "O3'" 1 
ATOM   127 C "C2'" . DC  A 1 7  ? 0.628   -3.559  -11.716 1.00 12.41 ? 7  DC  A "C2'" 1 
ATOM   128 C "C1'" . DC  A 1 7  ? 0.420   -2.142  -11.191 1.00 13.11 ? 7  DC  A "C1'" 1 
ATOM   129 N N1    . DC  A 1 7  ? 0.368   -2.073  -9.734  1.00 12.83 ? 7  DC  A N1    1 
ATOM   130 C C2    . DC  A 1 7  ? 1.526   -1.753  -9.032  1.00 11.84 ? 7  DC  A C2    1 
ATOM   131 O O2    . DC  A 1 7  ? 2.559   -1.515  -9.650  1.00 13.45 ? 7  DC  A O2    1 
ATOM   132 N N3    . DC  A 1 7  ? 1.487   -1.699  -7.687  1.00 11.65 ? 7  DC  A N3    1 
ATOM   133 C C4    . DC  A 1 7  ? 0.354   -1.935  -7.043  1.00 7.13  ? 7  DC  A C4    1 
ATOM   134 N N4    . DC  A 1 7  ? 0.378   -1.859  -5.715  1.00 9.80  ? 7  DC  A N4    1 
ATOM   135 C C5    . DC  A 1 7  ? -0.848  -2.256  -7.730  1.00 10.25 ? 7  DC  A C5    1 
ATOM   136 C C6    . DC  A 1 7  ? -0.796  -2.318  -9.064  1.00 7.77  ? 7  DC  A C6    1 
ATOM   137 P P     . DG  A 1 8  ? -0.803  -6.534  -12.621 1.00 18.38 ? 8  DG  A P     1 
ATOM   138 O OP1   . DG  A 1 8  ? -0.983  -7.324  -13.864 1.00 22.00 ? 8  DG  A OP1   1 
ATOM   139 O OP2   . DG  A 1 8  ? -1.716  -6.729  -11.481 1.00 22.12 ? 8  DG  A OP2   1 
ATOM   140 O "O5'" . DG  A 1 8  ? 0.678   -6.697  -12.079 1.00 19.88 ? 8  DG  A "O5'" 1 
ATOM   141 C "C5'" . DG  A 1 8  ? 1.015   -7.502  -10.957 1.00 16.85 ? 8  DG  A "C5'" 1 
ATOM   142 C "C4'" . DG  A 1 8  ? 2.484   -7.311  -10.659 1.00 15.58 ? 8  DG  A "C4'" 1 
ATOM   143 O "O4'" . DG  A 1 8  ? 2.731   -5.936  -10.294 1.00 13.16 ? 8  DG  A "O4'" 1 
ATOM   144 C "C3'" . DG  A 1 8  ? 3.062   -8.110  -9.508  1.00 16.30 ? 8  DG  A "C3'" 1 
ATOM   145 O "O3'" . DG  A 1 8  ? 3.367   -9.431  -9.940  1.00 20.48 ? 8  DG  A "O3'" 1 
ATOM   146 C "C2'" . DG  A 1 8  ? 4.301   -7.305  -9.180  1.00 14.83 ? 8  DG  A "C2'" 1 
ATOM   147 C "C1'" . DG  A 1 8  ? 3.741   -5.885  -9.289  1.00 14.40 ? 8  DG  A "C1'" 1 
ATOM   148 N N9    . DG  A 1 8  ? 3.103   -5.467  -8.040  1.00 14.81 ? 8  DG  A N9    1 
ATOM   149 C C8    . DG  A 1 8  ? 1.755   -5.329  -7.790  1.00 14.52 ? 8  DG  A C8    1 
ATOM   150 N N7    . DG  A 1 8  ? 1.496   -4.975  -6.559  1.00 11.56 ? 8  DG  A N7    1 
ATOM   151 C C5    . DG  A 1 8  ? 2.750   -4.862  -5.964  1.00 10.61 ? 8  DG  A C5    1 
ATOM   152 C C6    . DG  A 1 8  ? 3.115   -4.507  -4.642  1.00 9.31  ? 8  DG  A C6    1 
ATOM   153 O O6    . DG  A 1 8  ? 2.385   -4.206  -3.695  1.00 12.35 ? 8  DG  A O6    1 
ATOM   154 N N1    . DG  A 1 8  ? 4.495   -4.519  -4.469  1.00 10.11 ? 8  DG  A N1    1 
ATOM   155 C C2    . DG  A 1 8  ? 5.406   -4.843  -5.433  1.00 8.99  ? 8  DG  A C2    1 
ATOM   156 N N2    . DG  A 1 8  ? 6.692   -4.819  -5.070  1.00 7.87  ? 8  DG  A N2    1 
ATOM   157 N N3    . DG  A 1 8  ? 5.082   -5.170  -6.668  1.00 11.40 ? 8  DG  A N3    1 
ATOM   158 C C4    . DG  A 1 8  ? 3.746   -5.159  -6.864  1.00 10.33 ? 8  DG  A C4    1 
ATOM   159 P P     . DG  A 1 9  ? 3.076   -10.667 -8.963  1.00 23.21 ? 9  DG  A P     1 
ATOM   160 O OP1   . DG  A 1 9  ? 3.411   -11.893 -9.739  1.00 25.70 ? 9  DG  A OP1   1 
ATOM   161 O OP2   . DG  A 1 9  ? 1.731   -10.537 -8.344  1.00 23.16 ? 9  DG  A OP2   1 
ATOM   162 O "O5'" . DG  A 1 9  ? 4.144   -10.472 -7.795  1.00 22.23 ? 9  DG  A "O5'" 1 
ATOM   163 C "C5'" . DG  A 1 9  ? 5.548   -10.677 -8.039  1.00 21.28 ? 9  DG  A "C5'" 1 
ATOM   164 C "C4'" . DG  A 1 9  ? 6.361   -10.311 -6.818  1.00 19.66 ? 9  DG  A "C4'" 1 
ATOM   165 O "O4'" . DG  A 1 9  ? 6.152   -8.912  -6.514  1.00 16.08 ? 9  DG  A "O4'" 1 
ATOM   166 C "C3'" . DG  A 1 9  ? 6.012   -11.015 -5.509  1.00 18.02 ? 9  DG  A "C3'" 1 
ATOM   167 O "O3'" . DG  A 1 9  ? 6.560   -12.339 -5.403  1.00 19.81 ? 9  DG  A "O3'" 1 
ATOM   168 C "C2'" . DG  A 1 9  ? 6.665   -10.086 -4.508  1.00 18.08 ? 9  DG  A "C2'" 1 
ATOM   169 C "C1'" . DG  A 1 9  ? 6.337   -8.724  -5.107  1.00 17.09 ? 9  DG  A "C1'" 1 
ATOM   170 N N9    . DG  A 1 9  ? 5.080   -8.296  -4.525  1.00 15.08 ? 9  DG  A N9    1 
ATOM   171 C C8    . DG  A 1 9  ? 3.822   -8.323  -5.069  1.00 11.57 ? 9  DG  A C8    1 
ATOM   172 N N7    . DG  A 1 9  ? 2.903   -7.923  -4.235  1.00 12.73 ? 9  DG  A N7    1 
ATOM   173 C C5    . DG  A 1 9  ? 3.606   -7.602  -3.079  1.00 11.09 ? 9  DG  A C5    1 
ATOM   174 C C6    . DG  A 1 9  ? 3.158   -7.127  -1.829  1.00 9.31  ? 9  DG  A C6    1 
ATOM   175 O O6    . DG  A 1 9  ? 2.020   -6.885  -1.473  1.00 12.70 ? 9  DG  A O6    1 
ATOM   176 N N1    . DG  A 1 9  ? 4.209   -6.942  -0.936  1.00 9.24  ? 9  DG  A N1    1 
ATOM   177 C C2    . DG  A 1 9  ? 5.525   -7.202  -1.204  1.00 9.90  ? 9  DG  A C2    1 
ATOM   178 N N2    . DG  A 1 9  ? 6.396   -6.980  -0.211  1.00 7.28  ? 9  DG  A N2    1 
ATOM   179 N N3    . DG  A 1 9  ? 5.958   -7.651  -2.367  1.00 10.55 ? 9  DG  A N3    1 
ATOM   180 C C4    . DG  A 1 9  ? 4.948   -7.822  -3.252  1.00 11.89 ? 9  DG  A C4    1 
ATOM   181 P P     . DG  A 1 10 ? 5.835   -13.425 -4.450  1.00 22.58 ? 10 DG  A P     1 
ATOM   182 O OP1   . DG  A 1 10 ? 6.401   -14.752 -4.792  1.00 26.02 ? 10 DG  A OP1   1 
ATOM   183 O OP2   . DG  A 1 10 ? 4.343   -13.233 -4.456  1.00 24.39 ? 10 DG  A OP2   1 
ATOM   184 O "O5'" . DG  A 1 10 ? 6.262   -13.047 -2.963  1.00 21.23 ? 10 DG  A "O5'" 1 
ATOM   185 C "C5'" . DG  A 1 10 ? 7.626   -12.940 -2.584  1.00 17.90 ? 10 DG  A "C5'" 1 
ATOM   186 C "C4'" . DG  A 1 10 ? 7.736   -12.273 -1.233  1.00 14.78 ? 10 DG  A "C4'" 1 
ATOM   187 O "O4'" . DG  A 1 10 ? 7.089   -10.982 -1.247  1.00 13.62 ? 10 DG  A "O4'" 1 
ATOM   188 C "C3'" . DG  A 1 10 ? 7.108   -12.984 -0.047  1.00 11.77 ? 10 DG  A "C3'" 1 
ATOM   189 O "O3'" . DG  A 1 10 ? 8.002   -13.968 0.430   1.00 12.59 ? 10 DG  A "O3'" 1 
ATOM   190 C "C2'" . DG  A 1 10 ? 7.013   -11.862 0.965   1.00 10.70 ? 10 DG  A "C2'" 1 
ATOM   191 C "C1'" . DG  A 1 10 ? 6.613   -10.696 0.068   1.00 12.68 ? 10 DG  A "C1'" 1 
ATOM   192 N N9    . DG  A 1 10 ? 5.172   -10.472 -0.010  1.00 10.58 ? 10 DG  A N9    1 
ATOM   193 C C8    . DG  A 1 10 ? 4.323   -10.731 -1.066  1.00 11.19 ? 10 DG  A C8    1 
ATOM   194 N N7    . DG  A 1 10 ? 3.089   -10.367 -0.831  1.00 10.52 ? 10 DG  A N7    1 
ATOM   195 C C5    . DG  A 1 10 ? 3.126   -9.846  0.465   1.00 12.84 ? 10 DG  A C5    1 
ATOM   196 C C6    . DG  A 1 10 ? 2.094   -9.265  1.278   1.00 11.87 ? 10 DG  A C6    1 
ATOM   197 O O6    . DG  A 1 10 ? 0.885   -9.086  1.012   1.00 13.67 ? 10 DG  A O6    1 
ATOM   198 N N1    . DG  A 1 10 ? 2.592   -8.866  2.516   1.00 12.26 ? 10 DG  A N1    1 
ATOM   199 C C2    . DG  A 1 10 ? 3.887   -9.011  2.929   1.00 10.49 ? 10 DG  A C2    1 
ATOM   200 N N2    . DG  A 1 10 ? 4.166   -8.577  4.165   1.00 8.57  ? 10 DG  A N2    1 
ATOM   201 N N3    . DG  A 1 10 ? 4.838   -9.538  2.197   1.00 9.20  ? 10 DG  A N3    1 
ATOM   202 C C4    . DG  A 1 10 ? 4.399   -9.924  0.987   1.00 9.36  ? 10 DG  A C4    1 
ATOM   203 P P     . DC  A 1 11 ? 7.464   -15.157 1.356   1.00 11.82 ? 11 DC  A P     1 
ATOM   204 O OP1   . DC  A 1 11 ? 8.626   -16.026 1.559   1.00 15.24 ? 11 DC  A OP1   1 
ATOM   205 O OP2   . DC  A 1 11 ? 6.200   -15.718 0.832   1.00 13.58 ? 11 DC  A OP2   1 
ATOM   206 O "O5'" . DC  A 1 11 ? 7.125   -14.450 2.728   1.00 10.84 ? 11 DC  A "O5'" 1 
ATOM   207 C "C5'" . DC  A 1 11 ? 8.166   -13.996 3.565   1.00 9.36  ? 11 DC  A "C5'" 1 
ATOM   208 C "C4'" . DC  A 1 11 ? 7.583   -13.530 4.869   1.00 8.24  ? 11 DC  A "C4'" 1 
ATOM   209 O "O4'" . DC  A 1 11 ? 6.690   -12.459 4.559   1.00 9.54  ? 11 DC  A "O4'" 1 
ATOM   210 C "C3'" . DC  A 1 11 ? 6.718   -14.562 5.584   1.00 10.43 ? 11 DC  A "C3'" 1 
ATOM   211 O "O3'" . DC  A 1 11 ? 7.543   -15.371 6.442   1.00 14.59 ? 11 DC  A "O3'" 1 
ATOM   212 C "C2'" . DC  A 1 11 ? 5.822   -13.666 6.411   1.00 8.41  ? 11 DC  A "C2'" 1 
ATOM   213 C "C1'" . DC  A 1 11 ? 5.615   -12.469 5.476   1.00 10.31 ? 11 DC  A "C1'" 1 
ATOM   214 N N1    . DC  A 1 11 ? 4.378   -12.523 4.697   1.00 10.07 ? 11 DC  A N1    1 
ATOM   215 C C2    . DC  A 1 11 ? 3.241   -11.919 5.211   1.00 9.61  ? 11 DC  A C2    1 
ATOM   216 O O2    . DC  A 1 11 ? 3.274   -11.452 6.349   1.00 11.02 ? 11 DC  A O2    1 
ATOM   217 N N3    . DC  A 1 11 ? 2.123   -11.867 4.458   1.00 10.54 ? 11 DC  A N3    1 
ATOM   218 C C4    . DC  A 1 11 ? 2.111   -12.420 3.248   1.00 8.42  ? 11 DC  A C4    1 
ATOM   219 N N4    . DC  A 1 11 ? 1.004   -12.293 2.515   1.00 7.93  ? 11 DC  A N4    1 
ATOM   220 C C5    . DC  A 1 11 ? 3.238   -13.111 2.728   1.00 9.20  ? 11 DC  A C5    1 
ATOM   221 C C6    . DC  A 1 11 ? 4.343   -13.133 3.479   1.00 7.37  ? 11 DC  A C6    1 
ATOM   222 P P     . DG  A 1 12 ? 7.670   -16.961 6.199   1.00 17.38 ? 12 DG  A P     1 
ATOM   223 O OP1   . DG  A 1 12 ? 9.111   -17.261 6.322   1.00 18.71 ? 12 DG  A OP1   1 
ATOM   224 O OP2   . DG  A 1 12 ? 6.935   -17.437 5.002   1.00 15.45 ? 12 DG  A OP2   1 
ATOM   225 O "O5'" . DG  A 1 12 ? 6.905   -17.580 7.449   1.00 15.20 ? 12 DG  A "O5'" 1 
ATOM   226 C "C5'" . DG  A 1 12 ? 7.211   -17.167 8.809   1.00 14.31 ? 12 DG  A "C5'" 1 
ATOM   227 C "C4'" . DG  A 1 12 ? 5.941   -17.062 9.630   1.00 15.09 ? 12 DG  A "C4'" 1 
ATOM   228 O "O4'" . DG  A 1 12 ? 5.196   -15.900 9.216   1.00 17.30 ? 12 DG  A "O4'" 1 
ATOM   229 C "C3'" . DG  A 1 12 ? 4.964   -18.230 9.510   1.00 15.15 ? 12 DG  A "C3'" 1 
ATOM   230 O "O3'" . DG  A 1 12 ? 5.263   -19.349 10.377  1.00 15.71 ? 12 DG  A "O3'" 1 
ATOM   231 C "C2'" . DG  A 1 12 ? 3.638   -17.579 9.825   1.00 15.42 ? 12 DG  A "C2'" 1 
ATOM   232 C "C1'" . DG  A 1 12 ? 3.805   -16.189 9.230   1.00 15.06 ? 12 DG  A "C1'" 1 
ATOM   233 N N9    . DG  A 1 12 ? 3.306   -16.057 7.865   1.00 14.07 ? 12 DG  A N9    1 
ATOM   234 C C8    . DG  A 1 12 ? 3.833   -16.601 6.713   1.00 11.97 ? 12 DG  A C8    1 
ATOM   235 N N7    . DG  A 1 12 ? 3.153   -16.282 5.642   1.00 13.06 ? 12 DG  A N7    1 
ATOM   236 C C5    . DG  A 1 12 ? 2.116   -15.500 6.124   1.00 12.07 ? 12 DG  A C5    1 
ATOM   237 C C6    . DG  A 1 12 ? 1.043   -14.916 5.454   1.00 13.13 ? 12 DG  A C6    1 
ATOM   238 O O6    . DG  A 1 12 ? 0.762   -15.002 4.274   1.00 13.48 ? 12 DG  A O6    1 
ATOM   239 N N1    . DG  A 1 12 ? 0.213   -14.194 6.313   1.00 13.31 ? 12 DG  A N1    1 
ATOM   240 C C2    . DG  A 1 12 ? 0.389   -14.085 7.665   1.00 10.31 ? 12 DG  A C2    1 
ATOM   241 N N2    . DG  A 1 12 ? -0.513  -13.363 8.334   1.00 9.88  ? 12 DG  A N2    1 
ATOM   242 N N3    . DG  A 1 12 ? 1.389   -14.658 8.319   1.00 14.21 ? 12 DG  A N3    1 
ATOM   243 C C4    . DG  A 1 12 ? 2.206   -15.346 7.488   1.00 12.79 ? 12 DG  A C4    1 
ATOM   244 O "O5'" . DC  B 1 1  ? -7.397  -10.478 3.696   1.00 24.27 ? 13 DC  B "O5'" 1 
ATOM   245 C "C5'" . DC  B 1 1  ? -7.057  -9.588  4.784   1.00 18.93 ? 13 DC  B "C5'" 1 
ATOM   246 C "C4'" . DC  B 1 1  ? -7.019  -10.257 6.152   1.00 15.05 ? 13 DC  B "C4'" 1 
ATOM   247 O "O4'" . DC  B 1 1  ? -6.699  -11.642 6.036   1.00 15.75 ? 13 DC  B "O4'" 1 
ATOM   248 C "C3'" . DC  B 1 1  ? -6.064  -9.605  7.155   1.00 13.02 ? 13 DC  B "C3'" 1 
ATOM   249 O "O3'" . DC  B 1 1  ? -6.835  -9.372  8.344   1.00 15.25 ? 13 DC  B "O3'" 1 
ATOM   250 C "C2'" . DC  B 1 1  ? -5.173  -10.727 7.614   1.00 12.00 ? 13 DC  B "C2'" 1 
ATOM   251 C "C1'" . DC  B 1 1  ? -5.512  -11.916 6.742   1.00 15.55 ? 13 DC  B "C1'" 1 
ATOM   252 N N1    . DC  B 1 1  ? -4.482  -12.363 5.785   1.00 17.15 ? 13 DC  B N1    1 
ATOM   253 C C2    . DC  B 1 1  ? -3.167  -12.592 6.233   1.00 10.60 ? 13 DC  B C2    1 
ATOM   254 O O2    . DC  B 1 1  ? -2.866  -12.333 7.403   1.00 10.83 ? 13 DC  B O2    1 
ATOM   255 N N3    . DC  B 1 1  ? -2.254  -13.106 5.376   1.00 12.59 ? 13 DC  B N3    1 
ATOM   256 C C4    . DC  B 1 1  ? -2.605  -13.390 4.113   1.00 14.17 ? 13 DC  B C4    1 
ATOM   257 N N4    . DC  B 1 1  ? -1.706  -13.938 3.310   1.00 15.21 ? 13 DC  B N4    1 
ATOM   258 C C5    . DC  B 1 1  ? -3.908  -13.125 3.622   1.00 16.31 ? 13 DC  B C5    1 
ATOM   259 C C6    . DC  B 1 1  ? -4.802  -12.603 4.476   1.00 15.68 ? 13 DC  B C6    1 
ATOM   260 P P     . DG  B 1 2  ? -7.701  -8.033  8.521   1.00 15.13 ? 14 DG  B P     1 
ATOM   261 O OP1   . DG  B 1 2  ? -8.482  -8.273  9.757   1.00 16.18 ? 14 DG  B OP1   1 
ATOM   262 O OP2   . DG  B 1 2  ? -8.426  -7.781  7.255   1.00 17.48 ? 14 DG  B OP2   1 
ATOM   263 O "O5'" . DG  B 1 2  ? -6.645  -6.859  8.731   1.00 14.46 ? 14 DG  B "O5'" 1 
ATOM   264 C "C5'" . DG  B 1 2  ? -5.727  -6.817  9.850   1.00 16.24 ? 14 DG  B "C5'" 1 
ATOM   265 C "C4'" . DG  B 1 2  ? -4.356  -6.419  9.352   1.00 14.43 ? 14 DG  B "C4'" 1 
ATOM   266 O "O4'" . DG  B 1 2  ? -3.877  -7.435  8.463   1.00 13.99 ? 14 DG  B "O4'" 1 
ATOM   267 C "C3'" . DG  B 1 2  ? -4.358  -5.118  8.542   1.00 16.26 ? 14 DG  B "C3'" 1 
ATOM   268 O "O3'" . DG  B 1 2  ? -3.766  -4.140  9.405   1.00 19.74 ? 14 DG  B "O3'" 1 
ATOM   269 C "C2'" . DG  B 1 2  ? -3.360  -5.375  7.424   1.00 17.24 ? 14 DG  B "C2'" 1 
ATOM   270 C "C1'" . DG  B 1 2  ? -2.985  -6.829  7.589   1.00 15.51 ? 14 DG  B "C1'" 1 
ATOM   271 N N9    . DG  B 1 2  ? -2.848  -7.705  6.446   1.00 12.68 ? 14 DG  B N9    1 
ATOM   272 C C8    . DG  B 1 2  ? -3.655  -7.799  5.370   1.00 12.00 ? 14 DG  B C8    1 
ATOM   273 N N7    . DG  B 1 2  ? -3.227  -8.681  4.508   1.00 14.78 ? 14 DG  B N7    1 
ATOM   274 C C5    . DG  B 1 2  ? -2.069  -9.177  5.073   1.00 11.76 ? 14 DG  B C5    1 
ATOM   275 C C6    . DG  B 1 2  ? -1.114  -10.132 4.587   1.00 10.44 ? 14 DG  B C6    1 
ATOM   276 O O6    . DG  B 1 2  ? -1.101  -10.729 3.505   1.00 15.21 ? 14 DG  B O6    1 
ATOM   277 N N1    . DG  B 1 2  ? -0.080  -10.338 5.496   1.00 7.23  ? 14 DG  B N1    1 
ATOM   278 C C2    . DG  B 1 2  ? 0.039   -9.700  6.695   1.00 7.97  ? 14 DG  B C2    1 
ATOM   279 N N2    . DG  B 1 2  ? 1.120   -9.984  7.427   1.00 7.89  ? 14 DG  B N2    1 
ATOM   280 N N3    . DG  B 1 2  ? -0.831  -8.818  7.148   1.00 9.38  ? 14 DG  B N3    1 
ATOM   281 C C4    . DG  B 1 2  ? -1.835  -8.603  6.285   1.00 11.42 ? 14 DG  B C4    1 
ATOM   282 P P     . DC  B 1 3  ? -3.361  -2.703  8.867   1.00 19.22 ? 15 DC  B P     1 
ATOM   283 O OP1   . DC  B 1 3  ? -3.465  -1.862  10.058  1.00 20.65 ? 15 DC  B OP1   1 
ATOM   284 O OP2   . DC  B 1 3  ? -4.164  -2.377  7.687   1.00 21.04 ? 15 DC  B OP2   1 
ATOM   285 O "O5'" . DC  B 1 3  ? -1.837  -2.804  8.415   1.00 22.20 ? 15 DC  B "O5'" 1 
ATOM   286 C "C5'" . DC  B 1 3  ? -0.820  -2.934  9.350   1.00 21.66 ? 15 DC  B "C5'" 1 
ATOM   287 C "C4'" . DC  B 1 3  ? 0.326   -3.744  8.790   1.00 19.20 ? 15 DC  B "C4'" 1 
ATOM   288 O "O4'" . DC  B 1 3  ? -0.114  -4.965  8.160   1.00 15.33 ? 15 DC  B "O4'" 1 
ATOM   289 C "C3'" . DC  B 1 3  ? 1.227   -3.147  7.726   1.00 17.85 ? 15 DC  B "C3'" 1 
ATOM   290 O "O3'" . DC  B 1 3  ? 2.104   -2.140  8.239   1.00 18.83 ? 15 DC  B "O3'" 1 
ATOM   291 C "C2'" . DC  B 1 3  ? 2.031   -4.371  7.337   1.00 17.84 ? 15 DC  B "C2'" 1 
ATOM   292 C "C1'" . DC  B 1 3  ? 0.998   -5.482  7.403   1.00 13.28 ? 15 DC  B "C1'" 1 
ATOM   293 N N1    . DC  B 1 3  ? 0.530   -5.877  6.061   1.00 12.75 ? 15 DC  B N1    1 
ATOM   294 C C2    . DC  B 1 3  ? 1.270   -6.832  5.341   1.00 10.09 ? 15 DC  B C2    1 
ATOM   295 O O2    . DC  B 1 3  ? 2.304   -7.270  5.816   1.00 11.56 ? 15 DC  B O2    1 
ATOM   296 N N3    . DC  B 1 3  ? 0.840   -7.249  4.138   1.00 9.87  ? 15 DC  B N3    1 
ATOM   297 C C4    . DC  B 1 3  ? -0.280  -6.748  3.628   1.00 6.83  ? 15 DC  B C4    1 
ATOM   298 N N4    . DC  B 1 3  ? -0.689  -7.234  2.453   1.00 8.86  ? 15 DC  B N4    1 
ATOM   299 C C5    . DC  B 1 3  ? -1.043  -5.740  4.311   1.00 10.20 ? 15 DC  B C5    1 
ATOM   300 C C6    . DC  B 1 3  ? -0.603  -5.341  5.519   1.00 10.01 ? 15 DC  B C6    1 
ATOM   301 P P     . DC  B 1 4  ? 2.875   -1.167  7.208   1.00 20.31 ? 16 DC  B P     1 
ATOM   302 O OP1   . DC  B 1 4  ? 3.612   -0.140  7.957   1.00 24.13 ? 16 DC  B OP1   1 
ATOM   303 O OP2   . DC  B 1 4  ? 1.964   -0.763  6.121   1.00 18.67 ? 16 DC  B OP2   1 
ATOM   304 O "O5'" . DC  B 1 4  ? 3.936   -2.121  6.519   1.00 19.13 ? 16 DC  B "O5'" 1 
ATOM   305 C "C5'" . DC  B 1 4  ? 5.121   -2.485  7.205   1.00 16.98 ? 16 DC  B "C5'" 1 
ATOM   306 C "C4'" . DC  B 1 4  ? 5.947   -3.385  6.329   1.00 15.45 ? 16 DC  B "C4'" 1 
ATOM   307 O "O4'" . DC  B 1 4  ? 5.136   -4.490  5.899   1.00 14.25 ? 16 DC  B "O4'" 1 
ATOM   308 C "C3'" . DC  B 1 4  ? 6.365   -2.755  5.025   1.00 14.27 ? 16 DC  B "C3'" 1 
ATOM   309 O "O3'" . DC  B 1 4  ? 7.449   -1.861  5.229   1.00 13.36 ? 16 DC  B "O3'" 1 
ATOM   310 C "C2'" . DC  B 1 4  ? 6.732   -3.984  4.222   1.00 12.43 ? 16 DC  B "C2'" 1 
ATOM   311 C "C1'" . DC  B 1 4  ? 5.642   -4.960  4.658   1.00 13.02 ? 16 DC  B "C1'" 1 
ATOM   312 N N1    . DC  B 1 4  ? 4.527   -5.012  3.719   1.00 12.74 ? 16 DC  B N1    1 
ATOM   313 C C2    . DC  B 1 4  ? 4.690   -5.723  2.545   1.00 11.32 ? 16 DC  B C2    1 
ATOM   314 O O2    . DC  B 1 4  ? 5.773   -6.265  2.327   1.00 16.01 ? 16 DC  B O2    1 
ATOM   315 N N3    . DC  B 1 4  ? 3.668   -5.798  1.666   1.00 12.05 ? 16 DC  B N3    1 
ATOM   316 C C4    . DC  B 1 4  ? 2.515   -5.170  1.930   1.00 6.73  ? 16 DC  B C4    1 
ATOM   317 N N4    . DC  B 1 4  ? 1.545   -5.280  1.048   1.00 5.21  ? 16 DC  B N4    1 
ATOM   318 C C5    . DC  B 1 4  ? 2.329   -4.410  3.122   1.00 8.64  ? 16 DC  B C5    1 
ATOM   319 C C6    . DC  B 1 4  ? 3.355   -4.370  3.986   1.00 8.66  ? 16 DC  B C6    1 
ATOM   320 P P     . DC  B 1 5  ? 7.676   -0.669  4.191   1.00 13.35 ? 17 DC  B P     1 
ATOM   321 O OP1   . DC  B 1 5  ? 8.702   0.228   4.787   1.00 16.44 ? 17 DC  B OP1   1 
ATOM   322 O OP2   . DC  B 1 5  ? 6.360   -0.131  3.812   1.00 15.50 ? 17 DC  B OP2   1 
ATOM   323 O "O5'" . DC  B 1 5  ? 8.299   -1.397  2.913   1.00 14.82 ? 17 DC  B "O5'" 1 
ATOM   324 C "C5'" . DC  B 1 5  ? 9.620   -1.979  2.956   1.00 12.25 ? 17 DC  B "C5'" 1 
ATOM   325 C "C4'" . DC  B 1 5  ? 9.996   -2.538  1.603   1.00 10.01 ? 17 DC  B "C4'" 1 
ATOM   326 O "O4'" . DC  B 1 5  ? 9.146   -3.652  1.263   1.00 11.38 ? 17 DC  B "O4'" 1 
ATOM   327 C "C3'" . DC  B 1 5  ? 9.805   -1.576  0.448   1.00 10.75 ? 17 DC  B "C3'" 1 
ATOM   328 O "O3'" . DC  B 1 5  ? 10.891  -0.669  0.345   1.00 13.70 ? 17 DC  B "O3'" 1 
ATOM   329 C "C2'" . DC  B 1 5  ? 9.718   -2.511  -0.738  1.00 9.07  ? 17 DC  B "C2'" 1 
ATOM   330 C "C1'" . DC  B 1 5  ? 8.925   -3.669  -0.155  1.00 9.26  ? 17 DC  B "C1'" 1 
ATOM   331 N N1    . DC  B 1 5  ? 7.481   -3.519  -0.403  1.00 11.15 ? 17 DC  B N1    1 
ATOM   332 C C2    . DC  B 1 5  ? 6.958   -3.957  -1.631  1.00 9.88  ? 17 DC  B C2    1 
ATOM   333 O O2    . DC  B 1 5  ? 7.727   -4.395  -2.485  1.00 9.97  ? 17 DC  B O2    1 
ATOM   334 N N3    . DC  B 1 5  ? 5.630   -3.862  -1.855  1.00 9.59  ? 17 DC  B N3    1 
ATOM   335 C C4    . DC  B 1 5  ? 4.840   -3.306  -0.938  1.00 11.54 ? 17 DC  B C4    1 
ATOM   336 N N4    . DC  B 1 5  ? 3.549   -3.202  -1.213  1.00 11.35 ? 17 DC  B N4    1 
ATOM   337 C C5    . DC  B 1 5  ? 5.347   -2.825  0.302   1.00 10.93 ? 17 DC  B C5    1 
ATOM   338 C C6    . DC  B 1 5  ? 6.656   -2.957  0.535   1.00 8.81  ? 17 DC  B C6    1 
ATOM   339 P P     . DG  B 1 6  ? 10.612  0.806   -0.181  1.00 17.28 ? 18 DG  B P     1 
ATOM   340 O OP1   . DG  B 1 6  ? 11.859  1.605   -0.093  1.00 20.81 ? 18 DG  B OP1   1 
ATOM   341 O OP2   . DG  B 1 6  ? 9.369   1.333   0.416   1.00 18.24 ? 18 DG  B OP2   1 
ATOM   342 O "O5'" . DG  B 1 6  ? 10.299  0.548   -1.711  1.00 17.60 ? 18 DG  B "O5'" 1 
ATOM   343 C "C5'" . DG  B 1 6  ? 11.326  0.095   -2.586  1.00 13.25 ? 18 DG  B "C5'" 1 
ATOM   344 C "C4'" . DG  B 1 6  ? 10.786  -0.013  -3.987  1.00 13.24 ? 18 DG  B "C4'" 1 
ATOM   345 O "O4'" . DG  B 1 6  ? 9.789   -1.047  -4.010  1.00 11.51 ? 18 DG  B "O4'" 1 
ATOM   346 C "C3'" . DG  B 1 6  ? 10.052  1.198   -4.527  1.00 12.34 ? 18 DG  B "C3'" 1 
ATOM   347 O "O3'" . DG  B 1 6  ? 10.961  2.175   -5.014  1.00 12.80 ? 18 DG  B "O3'" 1 
ATOM   348 C "C2'" . DG  B 1 6  ? 9.264   0.579   -5.657  1.00 12.04 ? 18 DG  B "C2'" 1 
ATOM   349 C "C1'" . DG  B 1 6  ? 8.889   -0.776  -5.074  1.00 10.53 ? 18 DG  B "C1'" 1 
ATOM   350 N N9    . DG  B 1 6  ? 7.533   -0.805  -4.547  1.00 11.35 ? 18 DG  B N9    1 
ATOM   351 C C8    . DG  B 1 6  ? 7.106   -0.554  -3.261  1.00 10.60 ? 18 DG  B C8    1 
ATOM   352 N N7    . DG  B 1 6  ? 5.811   -0.655  -3.130  1.00 11.40 ? 18 DG  B N7    1 
ATOM   353 C C5    . DG  B 1 6  ? 5.359   -0.989  -4.404  1.00 11.30 ? 18 DG  B C5    1 
ATOM   354 C C6    . DG  B 1 6  ? 4.042   -1.204  -4.902  1.00 9.91  ? 18 DG  B C6    1 
ATOM   355 O O6    . DG  B 1 6  ? 2.979   -1.163  -4.306  1.00 12.68 ? 18 DG  B O6    1 
ATOM   356 N N1    . DG  B 1 6  ? 4.047   -1.492  -6.255  1.00 9.38  ? 18 DG  B N1    1 
ATOM   357 C C2    . DG  B 1 6  ? 5.160   -1.569  -7.031  1.00 10.86 ? 18 DG  B C2    1 
ATOM   358 N N2    . DG  B 1 6  ? 4.961   -1.854  -8.307  1.00 9.36  ? 18 DG  B N2    1 
ATOM   359 N N3    . DG  B 1 6  ? 6.382   -1.380  -6.592  1.00 10.34 ? 18 DG  B N3    1 
ATOM   360 C C4    . DG  B 1 6  ? 6.408   -1.090  -5.281  1.00 10.45 ? 18 DG  B C4    1 
ATOM   361 P P     . DC  B 1 7  ? 10.692  3.718   -4.703  1.00 15.27 ? 19 DC  B P     1 
ATOM   362 O OP1   . DC  B 1 7  ? 11.940  4.520   -4.771  1.00 17.61 ? 19 DC  B OP1   1 
ATOM   363 O OP2   . DC  B 1 7  ? 9.835   3.787   -3.484  1.00 14.62 ? 19 DC  B OP2   1 
ATOM   364 O "O5'" . DC  B 1 7  ? 9.811   4.185   -5.925  1.00 12.93 ? 19 DC  B "O5'" 1 
ATOM   365 C "C5'" . DC  B 1 7  ? 10.352  4.182   -7.232  1.00 13.41 ? 19 DC  B "C5'" 1 
ATOM   366 C "C4'" . DC  B 1 7  ? 9.238   4.244   -8.244  1.00 13.01 ? 19 DC  B "C4'" 1 
ATOM   367 O "O4'" . DC  B 1 7  ? 8.457   3.043   -8.154  1.00 11.62 ? 19 DC  B "O4'" 1 
ATOM   368 C "C3'" . DC  B 1 7  ? 8.209   5.333   -8.007  1.00 12.71 ? 19 DC  B "C3'" 1 
ATOM   369 O "O3'" . DC  B 1 7  ? 8.661   6.615   -8.434  1.00 14.27 ? 19 DC  B "O3'" 1 
ATOM   370 C "C2'" . DC  B 1 7  ? 7.067   4.834   -8.858  1.00 12.54 ? 19 DC  B "C2'" 1 
ATOM   371 C "C1'" . DC  B 1 7  ? 7.115   3.344   -8.559  1.00 11.20 ? 19 DC  B "C1'" 1 
ATOM   372 N N1    . DC  B 1 7  ? 6.198   2.978   -7.460  1.00 13.10 ? 19 DC  B N1    1 
ATOM   373 C C2    . DC  B 1 7  ? 4.884   2.645   -7.779  1.00 9.38  ? 19 DC  B C2    1 
ATOM   374 O O2    . DC  B 1 7  ? 4.521   2.683   -8.959  1.00 12.17 ? 19 DC  B O2    1 
ATOM   375 N N3    . DC  B 1 7  ? 4.030   2.303   -6.799  1.00 10.13 ? 19 DC  B N3    1 
ATOM   376 C C4    . DC  B 1 7  ? 4.432   2.315   -5.537  1.00 9.72  ? 19 DC  B C4    1 
ATOM   377 N N4    . DC  B 1 7  ? 3.536   1.991   -4.597  1.00 12.07 ? 19 DC  B N4    1 
ATOM   378 C C5    . DC  B 1 7  ? 5.765   2.663   -5.175  1.00 12.12 ? 19 DC  B C5    1 
ATOM   379 C C6    . DC  B 1 7  ? 6.611   2.975   -6.161  1.00 10.80 ? 19 DC  B C6    1 
ATOM   380 P P     . DG  B 1 8  ? 8.124   7.913   -7.679  1.00 16.64 ? 20 DG  B P     1 
ATOM   381 O OP1   . DG  B 1 8  ? 8.798   9.131   -8.195  1.00 13.11 ? 20 DG  B OP1   1 
ATOM   382 O OP2   . DG  B 1 8  ? 8.140   7.610   -6.221  1.00 14.86 ? 20 DG  B OP2   1 
ATOM   383 O "O5'" . DG  B 1 8  ? 6.605   8.010   -8.118  1.00 15.81 ? 20 DG  B "O5'" 1 
ATOM   384 C "C5'" . DG  B 1 8  ? 6.262   8.232   -9.480  1.00 18.62 ? 20 DG  B "C5'" 1 
ATOM   385 C "C4'" . DG  B 1 8  ? 4.780   8.017   -9.698  1.00 16.64 ? 20 DG  B "C4'" 1 
ATOM   386 O "O4'" . DG  B 1 8  ? 4.421   6.637   -9.457  1.00 16.99 ? 20 DG  B "O4'" 1 
ATOM   387 C "C3'" . DG  B 1 8  ? 3.813   8.788   -8.813  1.00 16.79 ? 20 DG  B "C3'" 1 
ATOM   388 O "O3'" . DG  B 1 8  ? 3.701   10.149  -9.204  1.00 18.12 ? 20 DG  B "O3'" 1 
ATOM   389 C "C2'" . DG  B 1 8  ? 2.526   8.028   -9.083  1.00 16.42 ? 20 DG  B "C2'" 1 
ATOM   390 C "C1'" . DG  B 1 8  ? 3.035   6.587   -9.097  1.00 12.25 ? 20 DG  B "C1'" 1 
ATOM   391 N N9    . DG  B 1 8  ? 2.925   6.040   -7.753  1.00 12.43 ? 20 DG  B N9    1 
ATOM   392 C C8    . DG  B 1 8  ? 3.879   5.977   -6.771  1.00 12.04 ? 20 DG  B C8    1 
ATOM   393 N N7    . DG  B 1 8  ? 3.417   5.517   -5.642  1.00 10.75 ? 20 DG  B N7    1 
ATOM   394 C C5    . DG  B 1 8  ? 2.085   5.243   -5.909  1.00 11.38 ? 20 DG  B C5    1 
ATOM   395 C C6    . DG  B 1 8  ? 1.057   4.763   -5.064  1.00 10.37 ? 20 DG  B C6    1 
ATOM   396 O O6    . DG  B 1 8  ? 1.127   4.454   -3.881  1.00 10.40 ? 20 DG  B O6    1 
ATOM   397 N N1    . DG  B 1 8  ? -0.162  4.669   -5.736  1.00 11.01 ? 20 DG  B N1    1 
ATOM   398 C C2    . DG  B 1 8  ? -0.363  5.005   -7.058  1.00 9.37  ? 20 DG  B C2    1 
ATOM   399 N N2    . DG  B 1 8  ? -1.601  4.895   -7.532  1.00 8.54  ? 20 DG  B N2    1 
ATOM   400 N N3    . DG  B 1 8  ? 0.595   5.436   -7.857  1.00 14.19 ? 20 DG  B N3    1 
ATOM   401 C C4    . DG  B 1 8  ? 1.780   5.539   -7.217  1.00 12.97 ? 20 DG  B C4    1 
ATOM   402 P P     . DG  B 1 9  ? 3.160   11.235  -8.150  1.00 20.24 ? 21 DG  B P     1 
ATOM   403 O OP1   . DG  B 1 9  ? 3.246   12.542  -8.861  1.00 22.51 ? 21 DG  B OP1   1 
ATOM   404 O OP2   . DG  B 1 9  ? 3.828   11.047  -6.842  1.00 19.87 ? 21 DG  B OP2   1 
ATOM   405 O "O5'" . DG  B 1 9  ? 1.630   10.876  -7.908  1.00 18.29 ? 21 DG  B "O5'" 1 
ATOM   406 C "C5'" . DG  B 1 9  ? 0.686   11.010  -8.957  1.00 15.22 ? 21 DG  B "C5'" 1 
ATOM   407 C "C4'" . DG  B 1 9  ? -0.643  10.431  -8.539  1.00 12.79 ? 21 DG  B "C4'" 1 
ATOM   408 O "O4'" . DG  B 1 9  ? -0.466  9.060   -8.127  1.00 14.02 ? 21 DG  B "O4'" 1 
ATOM   409 C "C3'" . DG  B 1 9  ? -1.363  11.068  -7.357  1.00 12.68 ? 21 DG  B "C3'" 1 
ATOM   410 O "O3'" . DG  B 1 9  ? -2.072  12.238  -7.767  1.00 17.70 ? 21 DG  B "O3'" 1 
ATOM   411 C "C2'" . DG  B 1 9  ? -2.348  9.973   -7.002  1.00 9.18  ? 21 DG  B "C2'" 1 
ATOM   412 C "C1'" . DG  B 1 9  ? -1.508  8.726   -7.212  1.00 10.63 ? 21 DG  B "C1'" 1 
ATOM   413 N N9    . DG  B 1 9  ? -0.892  8.333   -5.958  1.00 11.51 ? 21 DG  B N9    1 
ATOM   414 C C8    . DG  B 1 9  ? 0.405   8.521   -5.552  1.00 10.06 ? 21 DG  B C8    1 
ATOM   415 N N7    . DG  B 1 9  ? 0.616   8.105   -4.332  1.00 7.81  ? 21 DG  B N7    1 
ATOM   416 C C5    . DG  B 1 9  ? -0.616  7.600   -3.927  1.00 9.64  ? 21 DG  B C5    1 
ATOM   417 C C6    . DG  B 1 9  ? -1.030  7.037   -2.689  1.00 6.58  ? 21 DG  B C6    1 
ATOM   418 O O6    . DG  B 1 9  ? -0.366  6.823   -1.685  1.00 7.59  ? 21 DG  B O6    1 
ATOM   419 N N1    . DG  B 1 9  ? -2.381  6.712   -2.700  1.00 10.16 ? 21 DG  B N1    1 
ATOM   420 C C2    . DG  B 1 9  ? -3.221  6.898   -3.763  1.00 10.33 ? 21 DG  B C2    1 
ATOM   421 N N2    . DG  B 1 9  ? -4.498  6.565   -3.576  1.00 11.09 ? 21 DG  B N2    1 
ATOM   422 N N3    . DG  B 1 9  ? -2.847  7.386   -4.919  1.00 10.12 ? 21 DG  B N3    1 
ATOM   423 C C4    . DG  B 1 9  ? -1.547  7.725   -4.927  1.00 11.11 ? 21 DG  B C4    1 
ATOM   424 P P     . DG  B 1 10 ? -2.419  13.379  -6.689  1.00 18.60 ? 22 DG  B P     1 
ATOM   425 O OP1   . DG  B 1 10 ? -2.868  14.566  -7.469  1.00 19.36 ? 22 DG  B OP1   1 
ATOM   426 O OP2   . DG  B 1 10 ? -1.281  13.509  -5.754  1.00 20.23 ? 22 DG  B OP2   1 
ATOM   427 O "O5'" . DG  B 1 10 ? -3.636  12.774  -5.860  1.00 16.89 ? 22 DG  B "O5'" 1 
ATOM   428 C "C5'" . DG  B 1 10 ? -4.873  12.406  -6.500  1.00 17.44 ? 22 DG  B "C5'" 1 
ATOM   429 C "C4'" . DG  B 1 10 ? -5.770  11.693  -5.515  1.00 15.76 ? 22 DG  B "C4'" 1 
ATOM   430 O "O4'" . DG  B 1 10 ? -5.068  10.574  -4.955  1.00 16.93 ? 22 DG  B "O4'" 1 
ATOM   431 C "C3'" . DG  B 1 10 ? -6.222  12.525  -4.320  1.00 16.73 ? 22 DG  B "C3'" 1 
ATOM   432 O "O3'" . DG  B 1 10 ? -7.491  13.074  -4.675  1.00 19.15 ? 22 DG  B "O3'" 1 
ATOM   433 C "C2'" . DG  B 1 10 ? -6.461  11.478  -3.257  1.00 16.21 ? 22 DG  B "C2'" 1 
ATOM   434 C "C1'" . DG  B 1 10 ? -5.507  10.357  -3.622  1.00 17.43 ? 22 DG  B "C1'" 1 
ATOM   435 N N9    . DG  B 1 10 ? -4.342  10.285  -2.751  1.00 15.46 ? 22 DG  B N9    1 
ATOM   436 C C8    . DG  B 1 10 ? -3.069  10.734  -2.987  1.00 11.37 ? 22 DG  B C8    1 
ATOM   437 N N7    . DG  B 1 10 ? -2.249  10.468  -2.008  1.00 10.75 ? 22 DG  B N7    1 
ATOM   438 C C5    . DG  B 1 10 ? -3.033  9.819   -1.068  1.00 12.62 ? 22 DG  B C5    1 
ATOM   439 C C6    . DG  B 1 10 ? -2.704  9.287   0.189   1.00 12.82 ? 22 DG  B C6    1 
ATOM   440 O O6    . DG  B 1 10 ? -1.621  9.261   0.749   1.00 13.07 ? 22 DG  B O6    1 
ATOM   441 N N1    . DG  B 1 10 ? -3.803  8.731   0.813   1.00 10.73 ? 22 DG  B N1    1 
ATOM   442 C C2    . DG  B 1 10 ? -5.065  8.702   0.296   1.00 9.96  ? 22 DG  B C2    1 
ATOM   443 N N2    . DG  B 1 10 ? -6.001  8.158   1.056   1.00 9.13  ? 22 DG  B N2    1 
ATOM   444 N N3    . DG  B 1 10 ? -5.390  9.182   -0.879  1.00 12.37 ? 22 DG  B N3    1 
ATOM   445 C C4    . DG  B 1 10 ? -4.329  9.719   -1.507  1.00 14.03 ? 22 DG  B C4    1 
ATOM   446 P P     . DC  B 1 11 ? -8.279  14.056  -3.671  1.00 18.39 ? 23 DC  B P     1 
ATOM   447 O OP1   . DC  B 1 11 ? -9.488  14.508  -4.411  1.00 20.05 ? 23 DC  B OP1   1 
ATOM   448 O OP2   . DC  B 1 11 ? -7.277  15.054  -3.197  1.00 14.84 ? 23 DC  B OP2   1 
ATOM   449 O "O5'" . DC  B 1 11 ? -8.735  13.146  -2.435  1.00 17.32 ? 23 DC  B "O5'" 1 
ATOM   450 C "C5'" . DC  B 1 11 ? -9.883  12.259  -2.471  1.00 15.34 ? 23 DC  B "C5'" 1 
ATOM   451 C "C4'" . DC  B 1 11 ? -10.058 11.666  -1.093  1.00 14.05 ? 23 DC  B "C4'" 1 
ATOM   452 O "O4'" . DC  B 1 11 ? -8.742  11.293  -0.662  1.00 17.06 ? 23 DC  B "O4'" 1 
ATOM   453 C "C3'" . DC  B 1 11 ? -10.573 12.653  -0.043  1.00 14.74 ? 23 DC  B "C3'" 1 
ATOM   454 O "O3'" . DC  B 1 11 ? -11.785 12.077  0.429   1.00 16.64 ? 23 DC  B "O3'" 1 
ATOM   455 C "C2'" . DC  B 1 11 ? -9.655  12.486  1.156   1.00 16.43 ? 23 DC  B "C2'" 1 
ATOM   456 C "C1'" . DC  B 1 11 ? -8.590  11.521  0.712   1.00 13.93 ? 23 DC  B "C1'" 1 
ATOM   457 N N1    . DC  B 1 11 ? -7.207  11.881  0.965   1.00 13.49 ? 23 DC  B N1    1 
ATOM   458 C C2    . DC  B 1 11 ? -6.642  11.483  2.178   1.00 11.10 ? 23 DC  B C2    1 
ATOM   459 O O2    . DC  B 1 11 ? -7.380  10.992  3.069   1.00 11.31 ? 23 DC  B O2    1 
ATOM   460 N N3    . DC  B 1 11 ? -5.315  11.655  2.372   1.00 12.60 ? 23 DC  B N3    1 
ATOM   461 C C4    . DC  B 1 11 ? -4.577  12.259  1.442   1.00 10.30 ? 23 DC  B C4    1 
ATOM   462 N N4    . DC  B 1 11 ? -3.263  12.368  1.678   1.00 12.15 ? 23 DC  B N4    1 
ATOM   463 C C5    . DC  B 1 11 ? -5.149  12.762  0.230   1.00 11.73 ? 23 DC  B C5    1 
ATOM   464 C C6    . DC  B 1 11 ? -6.457  12.544  0.031   1.00 11.17 ? 23 DC  B C6    1 
ATOM   465 P P     . DG  B 1 12 ? -13.195 12.745  0.123   1.00 19.36 ? 24 DG  B P     1 
ATOM   466 O OP1   . DG  B 1 12 ? -14.088 11.633  0.541   1.00 17.02 ? 24 DG  B OP1   1 
ATOM   467 O OP2   . DG  B 1 12 ? -13.257 13.291  -1.264  1.00 19.11 ? 24 DG  B OP2   1 
ATOM   468 O "O5'" . DG  B 1 12 ? -13.271 13.981  1.130   1.00 18.97 ? 24 DG  B "O5'" 1 
ATOM   469 C "C5'" . DG  B 1 12 ? -13.554 13.797  2.515   1.00 18.13 ? 24 DG  B "C5'" 1 
ATOM   470 C "C4'" . DG  B 1 12 ? -12.820 14.838  3.323   1.00 17.20 ? 24 DG  B "C4'" 1 
ATOM   471 O "O4'" . DG  B 1 12 ? -11.408 14.588  3.263   1.00 17.39 ? 24 DG  B "O4'" 1 
ATOM   472 C "C3'" . DG  B 1 12 ? -12.997 16.277  2.835   1.00 15.70 ? 24 DG  B "C3'" 1 
ATOM   473 O "O3'" . DG  B 1 12 ? -13.841 16.860  3.847   1.00 12.18 ? 24 DG  B "O3'" 1 
ATOM   474 C "C2'" . DG  B 1 12 ? -11.665 16.945  3.140   1.00 14.54 ? 24 DG  B "C2'" 1 
ATOM   475 C "C1'" . DG  B 1 12 ? -10.753 15.805  3.539   1.00 12.91 ? 24 DG  B "C1'" 1 
ATOM   476 N N9    . DG  B 1 12 ? -9.406  15.739  3.016   1.00 11.58 ? 24 DG  B N9    1 
ATOM   477 C C8    . DG  B 1 12 ? -8.891  16.266  1.858   1.00 11.55 ? 24 DG  B C8    1 
ATOM   478 N N7    . DG  B 1 12 ? -7.608  16.056  1.735   1.00 11.37 ? 24 DG  B N7    1 
ATOM   479 C C5    . DG  B 1 12 ? -7.269  15.334  2.871   1.00 10.55 ? 24 DG  B C5    1 
ATOM   480 C C6    . DG  B 1 12 ? -6.016  14.826  3.293   1.00 11.28 ? 24 DG  B C6    1 
ATOM   481 O O6    . DG  B 1 12 ? -4.916  14.936  2.735   1.00 15.98 ? 24 DG  B O6    1 
ATOM   482 N N1    . DG  B 1 12 ? -6.126  14.138  4.503   1.00 9.40  ? 24 DG  B N1    1 
ATOM   483 C C2    . DG  B 1 12 ? -7.304  13.968  5.214   1.00 10.76 ? 24 DG  B C2    1 
ATOM   484 N N2    . DG  B 1 12 ? -7.236  13.258  6.338   1.00 8.48  ? 24 DG  B N2    1 
ATOM   485 N N3    . DG  B 1 12 ? -8.473  14.459  4.830   1.00 8.70  ? 24 DG  B N3    1 
ATOM   486 C C4    . DG  B 1 12 ? -8.376  15.123  3.658   1.00 11.05 ? 24 DG  B C4    1 
HETATM 487 O O     . HOH C 2 .  ? 4.801   -17.366 3.156   1.00 14.11 ? 31 HOH A O     1 
HETATM 488 O O     . HOH C 2 .  ? 7.529   -18.788 12.721  1.00 32.23 ? 32 HOH A O     1 
HETATM 489 O O     . HOH C 2 .  ? 3.748   -12.635 9.022   1.00 14.11 ? 33 HOH A O     1 
HETATM 490 O O     . HOH C 2 .  ? 6.456   -13.222 10.000  1.00 43.54 ? 34 HOH A O     1 
HETATM 491 O O     . HOH C 2 .  ? 2.379   -16.440 2.115   1.00 34.12 ? 35 HOH A O     1 
HETATM 492 O O     . HOH C 2 .  ? 1.031   -13.576 -0.147  1.00 41.98 ? 36 HOH A O     1 
HETATM 493 O O     . HOH C 2 .  ? -0.944  -5.095  -5.494  1.00 37.96 ? 43 HOH A O     1 
HETATM 494 O O     . HOH C 2 .  ? -4.072  -2.880  -6.661  1.00 32.56 ? 44 HOH A O     1 
HETATM 495 O O     . HOH C 2 .  ? 1.825   2.145   -1.092  1.00 40.54 ? 47 HOH A O     1 
HETATM 496 O O     . HOH C 2 .  ? -0.416  1.449   0.489   1.00 28.30 ? 48 HOH A O     1 
HETATM 497 O O     . HOH C 2 .  ? -8.169  6.687   3.571   1.00 15.28 ? 56 HOH A O     1 
HETATM 498 O O     . HOH C 2 .  ? 3.731   11.934  11.841  1.00 70.16 ? 57 HOH A O     1 
HETATM 499 O O     . HOH C 2 .  ? 1.357   7.265   9.316   1.00 55.14 ? 60 HOH A O     1 
HETATM 500 O O     . HOH C 2 .  ? -1.114  8.213   17.865  1.00 38.63 ? 61 HOH A O     1 
HETATM 501 O O     . HOH C 2 .  ? 1.378   9.778   5.583   1.00 43.31 ? 62 HOH A O     1 
HETATM 502 O O     . HOH C 2 .  ? 1.681   -12.495 -12.547 1.00 36.97 ? 64 HOH A O     1 
HETATM 503 O O     . HOH C 2 .  ? -0.007  11.519  2.902   1.00 38.40 ? 69 HOH A O     1 
HETATM 504 O O     . HOH C 2 .  ? 0.113   -4.471  -2.679  1.00 41.68 ? 76 HOH A O     1 
HETATM 505 O O     . HOH C 2 .  ? 0.236   -7.814  -5.005  1.00 46.46 ? 77 HOH A O     1 
HETATM 506 O O     . HOH C 2 .  ? 7.905   -21.035 10.002  1.00 29.83 ? 79 HOH A O     1 
HETATM 507 O O     . HOH C 2 .  ? -3.918  8.696   16.341  1.00 37.54 ? 81 HOH A O     1 
HETATM 508 O O     . HOH C 2 .  ? -1.424  11.331  16.193  1.00 40.83 ? 82 HOH A O     1 
HETATM 509 O O     . HOH C 2 .  ? -2.225  -3.027  -4.294  1.00 39.51 ? 83 HOH A O     1 
HETATM 510 O O     . HOH C 2 .  ? -0.132  -17.677 0.401   1.00 49.25 ? 84 HOH A O     1 
HETATM 511 O O     . HOH C 2 .  ? -0.306  3.199   6.185   1.00 46.40 ? 85 HOH A O     1 
HETATM 512 O O     . HOH C 2 .  ? -3.687  -3.546  -1.470  1.00 57.19 ? 86 HOH A O     1 
HETATM 513 O O     . HOH C 2 .  ? -2.183  5.041   14.342  1.00 51.66 ? 88 HOH A O     1 
HETATM 514 O O     . HOH C 2 .  ? 5.682   -13.762 -10.420 1.00 44.78 ? 89 HOH A O     1 
HETATM 515 O O     . HOH C 2 .  ? -2.529  -1.009  5.356   1.00 30.32 ? 90 HOH A O     1 
HETATM 516 O O     . HOH C 2 .  ? -4.330  0.016   0.473   1.00 32.42 ? 92 HOH A O     1 
HETATM 517 O O     . HOH C 2 .  ? -5.130  -1.256  -2.974  1.00 40.73 ? 94 HOH A O     1 
HETATM 518 O O     . HOH D 2 .  ? -8.526  -3.107  8.217   1.00 53.47 ? 37 HOH B O     1 
HETATM 519 O O     . HOH D 2 .  ? 14.331  2.548   -0.744  1.00 29.00 ? 38 HOH B O     1 
HETATM 520 O O     . HOH D 2 .  ? -4.868  -0.021  11.827  1.00 19.29 ? 39 HOH B O     1 
HETATM 521 O O     . HOH D 2 .  ? 2.210   -1.291  0.608   1.00 26.52 ? 40 HOH B O     1 
HETATM 522 O O     . HOH D 2 .  ? -7.460  -6.014  4.909   1.00 42.85 ? 41 HOH B O     1 
HETATM 523 O O     . HOH D 2 .  ? 0.959   -0.253  -2.572  1.00 36.10 ? 46 HOH B O     1 
HETATM 524 O O     . HOH D 2 .  ? 6.588   0.723   0.751   1.00 24.80 ? 49 HOH B O     1 
HETATM 525 O O     . HOH D 2 .  ? 3.184   -0.809  3.233   1.00 29.35 ? 50 HOH B O     1 
HETATM 526 O O     . HOH D 2 .  ? 4.439   0.394   -0.974  1.00 21.18 ? 51 HOH B O     1 
HETATM 527 O O     . HOH D 2 .  ? 7.791   3.261   -1.468  1.00 33.01 ? 52 HOH B O     1 
HETATM 528 O O     . HOH D 2 .  ? 5.458   9.025   -5.094  1.00 37.94 ? 53 HOH B O     1 
HETATM 529 O O     . HOH D 2 .  ? 4.745   5.787   -3.524  1.00 21.83 ? 54 HOH B O     1 
HETATM 530 O O     . HOH D 2 .  ? 4.774   4.086   -11.497 1.00 24.10 ? 55 HOH B O     1 
HETATM 531 O O     . HOH D 2 .  ? -1.926  13.805  -0.075  1.00 29.57 ? 58 HOH B O     1 
HETATM 532 O O     . HOH D 2 .  ? -2.389  -14.478 0.388   1.00 40.70 ? 59 HOH B O     1 
HETATM 533 O O     . HOH D 2 .  ? -10.599 17.059  -0.820  1.00 32.27 ? 63 HOH B O     1 
HETATM 534 O O     . HOH D 2 .  ? 12.012  7.423   -5.266  1.00 51.75 ? 65 HOH B O     1 
HETATM 535 O O     . HOH D 2 .  ? -2.637  -5.478  1.410   1.00 58.75 ? 66 HOH B O     1 
HETATM 536 O O     . HOH D 2 .  ? 6.431   -0.302  -10.621 1.00 68.84 ? 67 HOH B O     1 
HETATM 537 O O     . HOH D 2 .  ? -13.240 16.020  -1.525  1.00 33.13 ? 68 HOH B O     1 
HETATM 538 O O     . HOH D 2 .  ? -3.516  16.376  0.743   1.00 29.98 ? 70 HOH B O     1 
HETATM 539 O O     . HOH D 2 .  ? 0.882   10.359  -1.156  1.00 58.98 ? 71 HOH B O     1 
HETATM 540 O O     . HOH D 2 .  ? 2.996   8.020   -3.226  1.00 49.42 ? 72 HOH B O     1 
HETATM 541 O O     . HOH D 2 .  ? 2.729   11.578  -4.279  1.00 37.32 ? 73 HOH B O     1 
HETATM 542 O O     . HOH D 2 .  ? 7.536   5.620   -4.261  1.00 41.43 ? 74 HOH B O     1 
HETATM 543 O O     . HOH D 2 .  ? 5.191   3.389   -2.067  1.00 50.07 ? 75 HOH B O     1 
HETATM 544 O O     . HOH D 2 .  ? -6.215  -11.457 0.916   1.00 41.45 ? 78 HOH B O     1 
HETATM 545 O O     . HOH D 2 .  ? 1.371   7.953   0.283   1.00 54.63 ? 80 HOH B O     1 
HETATM 546 O O     . HOH D 2 .  ? -1.553  -4.438  -0.407  1.00 48.35 ? 87 HOH B O     1 
HETATM 547 O O     . HOH D 2 .  ? -4.195  15.874  -2.961  1.00 36.84 ? 91 HOH B O     1 
HETATM 548 O O     . HOH D 2 .  ? -0.093  -2.890  1.329   1.00 35.63 ? 93 HOH B O     1 
HETATM 549 O O     . HOH D 2 .  ? -0.052  -1.987  4.008   1.00 39.57 ? 95 HOH B O     1 
# 
